data_5I71
#
_entry.id   5I71
#
_cell.length_a   129.720
_cell.length_b   163.740
_cell.length_c   140.560
_cell.angle_alpha   90.00
_cell.angle_beta   90.00
_cell.angle_gamma   90.00
#
_symmetry.space_group_name_H-M   'C 2 2 21'
#
loop_
_entity.id
_entity.type
_entity.pdbx_description
1 polymer 'Sodium-dependent serotonin transporter'
2 polymer '8B6 antibody, heavy chain'
3 polymer '8B6 antibody, light chain'
4 non-polymer (1S)-1-[3-(dimethylamino)propyl]-1-(4-fluorophenyl)-1,3-dihydro-2-benzofuran-5-carbonitrile
5 non-polymer 2-acetamido-2-deoxy-beta-D-glucopyranose
6 non-polymer CHOLESTEROL
7 non-polymer DODECANE
8 non-polymer HEXANE
9 non-polymer 'SODIUM ION'
10 water water
#
loop_
_entity_poly.entity_id
_entity_poly.type
_entity_poly.pdbx_seq_one_letter_code
_entity_poly.pdbx_strand_id
1 'polypeptide(L)'
;GSQGERETWGKKVDFLLSVIGYAVDLGNVWRFPYICAQNGGGAFLLPYTIMAIFGGIPLFYMELALGQYHRNGCISIWRK
ICPIFKGIGYAICIIAFYIASYYNTIMAWALYYLISSFTDQLPWTSCKNSWNTGNCTNYFSEDNITWTLHSTSPAEEFYT
RHVLQIHRSKGLQDLGGISWQLALCIMLIFTVIYFSIWKGVKTSGKVVWVTATFPYIALSVLLVRGATLPGAWRGVLFYL
KPNWQKLLETGVWIDAAAQIFFSLGPGFGVLLAFASYNKFNNNCYQDALVTSVVNCMTSFVSGFVIFTVLGYMAEMRNED
VSEVAKDAGPSLLFITYAEAIANMPASTFFAIIFFLMLITLGLDSSFAGLEGVITAVLDEFPHVWAKRRERFVLAVVITC
FFGSLVTLTFGGAYVVKLLEEYATGPAVLTVALIEAVAVSWFYGITQFCRDVKEMLGFSPGWFWRICWVAISPLFLLFII
ASFLMSPPQLRLFQYNYPYWSIILGYAIGTSSFICIPTYIAYRLIITPGTFKERIIKSITPETPTLVPR
;
A
2 'polypeptide(L)'
;EVQLQQSGPELVKPGASVKISCKASGYTFTDYYMNWVKQSHGKSLEWIGNINPNNGGTSYNQKFKGKATLTVDKSSTTAY
MELRSLTSEDSAVYYCTRSPVRPYYFDYWGQGTTLTVSSAKTTPPSVYPLAPGCGDTTGSSVTLGCLVKGYFPESVTVTW
NSGSLSSSVHTFPALLQSGLYTMSSSVTVPSSTWPSQTVTCSVAHPASSTTVDKKLEPSGP
;
B
3 'polypeptide(L)'
;DIVMTQSHKFMSTSVGDRVSITCKASQDVSTAVAWYQQKPGQSPKLLIYSASYRYTGVPDRFTGSGSGTDFTFTISSVQA
EDLAVYYCQQHYSIPRTFGGGTKLEIKRADAAPTVSIFPPSSEQLTSGGASVVCFLNNFYPKDINVKWKIDGSERQNGVL
NSWTDQDSKDSTYSMSSTLTLTKDEYERHNSYTCEATHKTSTSPIVKSFNRNEC
;
C
#
# COMPACT_ATOMS: atom_id res chain seq x y z
N GLY A 1 17.53 32.79 -38.41
CA GLY A 1 16.42 32.45 -37.54
C GLY A 1 16.77 32.46 -36.08
N SER A 2 15.76 32.31 -35.22
CA SER A 2 15.97 32.28 -33.78
C SER A 2 16.74 31.04 -33.36
N GLN A 3 16.29 29.88 -33.84
CA GLN A 3 16.97 28.62 -33.58
C GLN A 3 17.06 27.80 -34.88
N GLY A 4 18.23 27.22 -35.12
CA GLY A 4 18.47 26.54 -36.38
C GLY A 4 18.44 25.02 -36.35
N GLU A 5 19.40 24.43 -35.67
CA GLU A 5 19.57 22.97 -35.69
C GLU A 5 19.56 22.36 -34.30
N ARG A 6 19.27 21.06 -34.25
CA ARG A 6 19.22 20.33 -32.98
C ARG A 6 20.58 19.68 -32.67
N GLU A 7 20.68 19.07 -31.51
CA GLU A 7 21.93 18.45 -31.07
C GLU A 7 22.12 17.06 -31.67
N THR A 8 23.27 16.45 -31.38
CA THR A 8 23.59 15.13 -31.89
C THR A 8 24.19 14.25 -30.80
N TRP A 9 24.76 13.11 -31.20
CA TRP A 9 25.38 12.18 -30.26
C TRP A 9 26.84 12.54 -30.01
N GLY A 10 27.33 12.21 -28.83
CA GLY A 10 28.73 12.42 -28.50
C GLY A 10 29.63 11.35 -29.07
N LYS A 11 29.05 10.17 -29.26
CA LYS A 11 29.77 9.03 -29.83
C LYS A 11 28.79 7.96 -30.31
N LYS A 12 29.16 7.26 -31.38
CA LYS A 12 28.38 6.15 -31.93
C LYS A 12 28.07 5.09 -30.87
N VAL A 13 29.09 4.75 -30.09
CA VAL A 13 28.97 3.70 -29.08
C VAL A 13 27.98 4.09 -27.99
N ASP A 14 27.88 5.39 -27.71
CA ASP A 14 27.01 5.89 -26.65
C ASP A 14 25.54 5.57 -26.93
N PHE A 15 25.06 5.92 -28.12
CA PHE A 15 23.67 5.63 -28.48
C PHE A 15 23.50 4.17 -28.86
N LEU A 16 24.56 3.57 -29.41
CA LEU A 16 24.55 2.16 -29.75
C LEU A 16 24.32 1.33 -28.48
N LEU A 17 24.78 1.83 -27.35
CA LEU A 17 24.56 1.18 -26.07
C LEU A 17 23.31 1.73 -25.38
N SER A 18 22.85 2.91 -25.82
CA SER A 18 21.67 3.52 -25.25
C SER A 18 20.41 2.77 -25.68
N VAL A 19 20.33 2.45 -26.97
CA VAL A 19 19.18 1.72 -27.49
C VAL A 19 19.15 0.29 -26.93
N ILE A 20 20.32 -0.28 -26.80
CA ILE A 20 20.42 -1.62 -26.23
C ILE A 20 19.99 -1.61 -24.77
N GLY A 21 20.47 -0.62 -24.03
CA GLY A 21 20.09 -0.44 -22.64
C GLY A 21 18.60 -0.24 -22.49
N TYR A 22 18.00 0.52 -23.37
CA TYR A 22 16.55 0.57 -23.33
C TYR A 22 15.87 -0.77 -23.70
N ALA A 23 16.36 -1.50 -24.72
CA ALA A 23 15.73 -2.74 -25.11
C ALA A 23 15.85 -3.77 -23.99
N VAL A 24 16.98 -3.70 -23.30
CA VAL A 24 17.17 -4.69 -22.27
C VAL A 24 16.65 -4.22 -20.94
N ASP A 25 15.82 -5.06 -20.36
CA ASP A 25 15.15 -4.76 -19.09
C ASP A 25 14.84 -5.98 -18.23
N LEU A 26 13.90 -5.82 -17.34
CA LEU A 26 13.48 -6.90 -16.46
C LEU A 26 12.94 -8.06 -17.24
N GLY A 27 12.10 -7.76 -18.20
CA GLY A 27 11.41 -8.77 -18.93
C GLY A 27 12.35 -9.65 -19.68
N ASN A 28 13.39 -9.07 -20.21
CA ASN A 28 14.40 -9.93 -20.79
C ASN A 28 14.89 -10.98 -19.77
N VAL A 29 14.98 -10.62 -18.51
CA VAL A 29 15.54 -11.57 -17.58
C VAL A 29 14.73 -12.79 -17.17
N TRP A 30 13.46 -12.59 -16.89
CA TRP A 30 12.62 -13.59 -16.25
C TRP A 30 11.43 -13.98 -17.11
N ARG A 31 10.91 -13.06 -17.91
CA ARG A 31 9.82 -13.44 -18.79
C ARG A 31 10.14 -14.37 -19.92
N PHE A 32 11.23 -14.13 -20.60
CA PHE A 32 11.63 -15.01 -21.69
C PHE A 32 12.03 -16.42 -21.24
N PRO A 33 12.79 -16.56 -20.13
CA PRO A 33 13.12 -17.93 -19.72
C PRO A 33 11.90 -18.76 -19.36
N TYR A 34 10.96 -18.16 -18.65
CA TYR A 34 9.74 -18.85 -18.23
C TYR A 34 8.91 -19.25 -19.44
N ILE A 35 8.62 -18.28 -20.30
CA ILE A 35 7.78 -18.53 -21.46
C ILE A 35 8.46 -19.49 -22.43
N CYS A 36 9.78 -19.54 -22.35
CA CYS A 36 10.56 -20.45 -23.19
C CYS A 36 10.51 -21.86 -22.62
N ALA A 37 10.43 -21.97 -21.30
CA ALA A 37 10.43 -23.26 -20.63
C ALA A 37 9.09 -23.98 -20.76
N GLN A 38 8.00 -23.22 -20.67
CA GLN A 38 6.67 -23.81 -20.64
C GLN A 38 6.03 -23.94 -22.03
N ASN A 39 6.74 -23.46 -23.06
CA ASN A 39 6.20 -23.52 -24.42
C ASN A 39 7.15 -24.24 -25.37
N GLY A 40 7.41 -25.51 -25.08
CA GLY A 40 8.22 -26.33 -25.97
C GLY A 40 9.67 -26.48 -25.57
N GLY A 41 10.09 -25.76 -24.54
CA GLY A 41 11.48 -25.77 -24.11
C GLY A 41 12.39 -25.17 -25.15
N GLY A 42 13.47 -25.87 -25.47
CA GLY A 42 14.40 -25.42 -26.49
C GLY A 42 13.73 -25.24 -27.85
N ALA A 43 12.69 -26.02 -28.09
CA ALA A 43 11.93 -25.95 -29.34
C ALA A 43 11.21 -24.61 -29.47
N PHE A 44 11.19 -23.83 -28.40
CA PHE A 44 10.61 -22.50 -28.45
C PHE A 44 11.52 -21.52 -29.18
N LEU A 45 12.77 -21.92 -29.37
CA LEU A 45 13.75 -21.07 -30.06
C LEU A 45 13.38 -20.86 -31.52
N LEU A 46 12.66 -21.82 -32.09
CA LEU A 46 12.30 -21.76 -33.51
C LEU A 46 11.21 -20.71 -33.81
N PRO A 47 10.07 -20.75 -33.09
CA PRO A 47 9.09 -19.71 -33.44
C PRO A 47 9.46 -18.33 -32.88
N TYR A 48 10.37 -18.30 -31.91
CA TYR A 48 10.81 -17.04 -31.32
C TYR A 48 11.59 -16.20 -32.32
N THR A 49 12.35 -16.88 -33.18
CA THR A 49 13.16 -16.20 -34.18
C THR A 49 12.32 -15.82 -35.40
N ILE A 50 11.42 -16.71 -35.79
CA ILE A 50 10.56 -16.48 -36.94
C ILE A 50 9.69 -15.25 -36.72
N MET A 51 9.17 -15.10 -35.51
CA MET A 51 8.37 -13.94 -35.16
C MET A 51 9.21 -12.69 -35.04
N ALA A 52 10.53 -12.87 -34.93
CA ALA A 52 11.46 -11.75 -34.87
C ALA A 52 11.82 -11.29 -36.28
N ILE A 53 12.33 -12.22 -37.08
CA ILE A 53 12.79 -11.93 -38.44
C ILE A 53 11.68 -11.33 -39.30
N PHE A 54 10.47 -11.83 -39.13
CA PHE A 54 9.34 -11.40 -39.94
C PHE A 54 8.52 -10.29 -39.27
N GLY A 55 8.58 -10.24 -37.94
CA GLY A 55 7.79 -9.29 -37.18
C GLY A 55 8.60 -8.26 -36.43
N GLY A 56 9.46 -8.72 -35.53
CA GLY A 56 10.23 -7.82 -34.69
C GLY A 56 11.24 -6.94 -35.41
N ILE A 57 12.16 -7.57 -36.13
CA ILE A 57 13.21 -6.84 -36.83
C ILE A 57 12.68 -5.83 -37.86
N PRO A 58 11.68 -6.21 -38.68
CA PRO A 58 11.20 -5.20 -39.64
C PRO A 58 10.59 -3.97 -38.97
N LEU A 59 9.84 -4.16 -37.89
CA LEU A 59 9.25 -3.04 -37.16
C LEU A 59 10.34 -2.20 -36.49
N PHE A 60 11.35 -2.89 -35.96
CA PHE A 60 12.47 -2.24 -35.28
C PHE A 60 13.24 -1.34 -36.24
N TYR A 61 13.56 -1.88 -37.42
CA TYR A 61 14.33 -1.16 -38.42
C TYR A 61 13.51 -0.05 -39.06
N MET A 62 12.25 -0.34 -39.37
CA MET A 62 11.35 0.64 -39.97
C MET A 62 11.13 1.81 -39.01
N GLU A 63 11.06 1.50 -37.72
CA GLU A 63 10.92 2.53 -36.69
C GLU A 63 12.21 3.33 -36.54
N LEU A 64 13.34 2.63 -36.66
CA LEU A 64 14.64 3.25 -36.45
C LEU A 64 15.07 4.13 -37.62
N ALA A 65 14.49 3.89 -38.80
CA ALA A 65 14.85 4.64 -39.99
C ALA A 65 14.17 6.02 -40.03
N LEU A 66 12.86 6.03 -39.76
CA LEU A 66 12.07 7.25 -39.81
C LEU A 66 12.62 8.33 -38.89
N GLY A 67 13.07 7.91 -37.70
CA GLY A 67 13.63 8.84 -36.73
C GLY A 67 14.90 9.50 -37.21
N GLN A 68 15.80 8.72 -37.81
CA GLN A 68 17.07 9.24 -38.27
C GLN A 68 16.92 10.01 -39.57
N TYR A 69 15.81 9.77 -40.28
CA TYR A 69 15.55 10.50 -41.52
C TYR A 69 14.90 11.86 -41.24
N HIS A 70 13.76 11.85 -40.57
CA HIS A 70 12.99 13.07 -40.36
C HIS A 70 13.53 13.91 -39.21
N ARG A 71 14.23 13.25 -38.28
CA ARG A 71 14.80 13.91 -37.10
C ARG A 71 13.74 14.71 -36.33
N ASN A 72 12.55 14.13 -36.19
CA ASN A 72 11.47 14.78 -35.46
C ASN A 72 10.98 13.90 -34.32
N GLY A 73 10.23 14.49 -33.40
CA GLY A 73 9.70 13.77 -32.26
C GLY A 73 8.59 12.79 -32.62
N CYS A 74 7.89 12.29 -31.62
CA CYS A 74 6.81 11.34 -31.84
C CYS A 74 5.55 12.06 -32.32
N ILE A 75 5.54 13.37 -32.18
CA ILE A 75 4.37 14.17 -32.50
C ILE A 75 4.56 14.94 -33.81
N SER A 76 5.69 15.64 -33.90
CA SER A 76 5.97 16.50 -35.03
C SER A 76 6.27 15.73 -36.32
N ILE A 77 6.59 14.44 -36.17
CA ILE A 77 6.91 13.62 -37.33
C ILE A 77 5.64 13.28 -38.11
N TRP A 78 4.51 13.29 -37.42
CA TRP A 78 3.23 12.99 -38.07
C TRP A 78 2.73 14.20 -38.84
N ARG A 79 3.12 15.39 -38.40
CA ARG A 79 2.78 16.61 -39.13
C ARG A 79 3.43 16.59 -40.51
N LYS A 80 4.55 15.87 -40.61
CA LYS A 80 5.29 15.77 -41.86
C LYS A 80 4.95 14.50 -42.63
N ILE A 81 4.03 13.70 -42.09
CA ILE A 81 3.62 12.46 -42.74
C ILE A 81 2.10 12.44 -42.91
N CYS A 82 1.39 12.24 -41.80
CA CYS A 82 -0.07 12.23 -41.80
C CYS A 82 -0.61 12.96 -40.58
N PRO A 83 -0.87 14.26 -40.72
CA PRO A 83 -1.29 15.16 -39.63
C PRO A 83 -2.43 14.60 -38.77
N ILE A 84 -3.40 13.93 -39.39
CA ILE A 84 -4.54 13.39 -38.66
C ILE A 84 -4.10 12.36 -37.63
N PHE A 85 -2.97 11.69 -37.89
CA PHE A 85 -2.46 10.67 -36.99
C PHE A 85 -1.53 11.26 -35.94
N LYS A 86 -1.49 12.60 -35.90
CA LYS A 86 -0.67 13.31 -34.94
C LYS A 86 -1.05 12.95 -33.51
N GLY A 87 -2.33 12.61 -33.32
CA GLY A 87 -2.83 12.15 -32.05
C GLY A 87 -2.05 10.97 -31.49
N ILE A 88 -1.50 10.15 -32.38
CA ILE A 88 -0.62 9.06 -31.99
C ILE A 88 0.46 9.57 -31.04
N GLY A 89 1.16 10.62 -31.46
CA GLY A 89 2.20 11.23 -30.67
C GLY A 89 1.74 11.64 -29.28
N TYR A 90 0.47 11.98 -29.16
CA TYR A 90 -0.10 12.33 -27.86
C TYR A 90 -0.49 11.06 -27.10
N ALA A 91 -1.10 10.11 -27.82
CA ALA A 91 -1.57 8.86 -27.22
C ALA A 91 -0.46 8.18 -26.44
N ILE A 92 0.66 7.93 -27.12
CA ILE A 92 1.84 7.34 -26.52
C ILE A 92 2.19 8.05 -25.22
N CYS A 93 2.17 9.39 -25.26
CA CYS A 93 2.44 10.20 -24.08
C CYS A 93 1.60 9.72 -22.90
N ILE A 94 0.28 9.71 -23.08
CA ILE A 94 -0.63 9.25 -22.04
C ILE A 94 -0.24 7.85 -21.62
N ILE A 95 -0.01 7.00 -22.61
CA ILE A 95 0.44 5.63 -22.39
C ILE A 95 1.63 5.61 -21.44
N ALA A 96 2.63 6.44 -21.76
CA ALA A 96 3.84 6.51 -20.95
C ALA A 96 3.48 6.79 -19.49
N PHE A 97 2.57 7.74 -19.28
CA PHE A 97 2.18 8.15 -17.94
C PHE A 97 1.66 6.97 -17.14
N TYR A 98 0.99 6.05 -17.82
CA TYR A 98 0.47 4.86 -17.15
C TYR A 98 1.64 3.91 -16.86
N ILE A 99 2.49 3.72 -17.85
CA ILE A 99 3.61 2.78 -17.74
C ILE A 99 4.51 3.19 -16.58
N ALA A 100 4.96 4.44 -16.60
CA ALA A 100 5.83 4.98 -15.56
C ALA A 100 5.18 4.91 -14.18
N SER A 101 3.88 4.68 -14.15
CA SER A 101 3.17 4.57 -12.88
C SER A 101 3.53 3.29 -12.13
N TYR A 102 3.96 2.27 -12.87
CA TYR A 102 4.28 1.00 -12.22
C TYR A 102 5.71 0.52 -12.50
N TYR A 103 6.18 0.77 -13.73
CA TYR A 103 7.48 0.25 -14.17
C TYR A 103 8.62 0.68 -13.23
N ASN A 104 8.48 1.86 -12.64
CA ASN A 104 9.48 2.35 -11.71
C ASN A 104 9.34 1.72 -10.33
N THR A 105 8.09 1.54 -9.90
CA THR A 105 7.80 1.01 -8.57
C THR A 105 8.48 -0.33 -8.35
N ILE A 106 8.49 -1.17 -9.40
CA ILE A 106 9.18 -2.45 -9.36
C ILE A 106 10.61 -2.25 -8.91
N MET A 107 11.33 -1.35 -9.60
CA MET A 107 12.70 -1.04 -9.24
C MET A 107 12.80 -0.62 -7.78
N ALA A 108 11.81 0.15 -7.34
CA ALA A 108 11.74 0.60 -5.95
C ALA A 108 11.90 -0.58 -5.00
N TRP A 109 11.14 -1.64 -5.29
CA TRP A 109 11.21 -2.86 -4.50
C TRP A 109 12.66 -3.33 -4.42
N ALA A 110 13.29 -3.47 -5.58
CA ALA A 110 14.69 -3.88 -5.67
C ALA A 110 15.55 -2.96 -4.82
N LEU A 111 15.27 -1.67 -4.93
CA LEU A 111 16.02 -0.67 -4.16
C LEU A 111 15.85 -0.93 -2.67
N TYR A 112 14.60 -1.17 -2.26
CA TYR A 112 14.32 -1.47 -0.86
C TYR A 112 14.98 -2.80 -0.49
N TYR A 113 15.13 -3.67 -1.49
CA TYR A 113 15.81 -4.94 -1.28
C TYR A 113 17.31 -4.74 -1.24
N LEU A 114 17.79 -3.69 -1.91
CA LEU A 114 19.22 -3.44 -1.99
C LEU A 114 19.73 -2.80 -0.71
N ILE A 115 18.96 -1.87 -0.16
CA ILE A 115 19.36 -1.16 1.05
C ILE A 115 19.22 -2.05 2.27
N SER A 116 18.52 -3.17 2.09
CA SER A 116 18.34 -4.12 3.19
C SER A 116 19.35 -5.27 3.09
N SER A 117 20.21 -5.20 2.09
CA SER A 117 21.19 -6.25 1.84
C SER A 117 22.58 -5.87 2.34
N PHE A 118 22.65 -4.81 3.15
CA PHE A 118 23.92 -4.36 3.71
C PHE A 118 24.18 -4.97 5.09
N THR A 119 23.25 -5.80 5.52
CA THR A 119 23.37 -6.47 6.81
C THR A 119 24.16 -7.77 6.64
N ASP A 120 24.93 -8.14 7.66
CA ASP A 120 25.69 -9.38 7.64
C ASP A 120 24.77 -10.59 7.55
N GLN A 121 23.59 -10.46 8.16
CA GLN A 121 22.55 -11.49 8.07
C GLN A 121 21.34 -10.95 7.34
N LEU A 122 21.05 -11.52 6.17
CA LEU A 122 19.95 -11.07 5.33
C LEU A 122 18.61 -11.34 6.02
N PRO A 123 17.70 -10.35 5.95
CA PRO A 123 16.40 -10.39 6.63
C PRO A 123 15.52 -11.59 6.24
N TRP A 124 15.61 -12.04 5.00
CA TRP A 124 14.75 -13.12 4.53
C TRP A 124 15.39 -14.50 4.69
N THR A 125 16.32 -14.60 5.63
CA THR A 125 16.94 -15.88 5.93
C THR A 125 16.31 -16.50 7.17
N SER A 126 16.15 -15.68 8.20
CA SER A 126 15.56 -16.13 9.45
C SER A 126 14.07 -15.82 9.51
N CYS A 127 13.41 -16.37 10.52
CA CYS A 127 11.98 -16.15 10.72
C CYS A 127 11.71 -15.27 11.94
N LYS A 128 12.77 -14.97 12.69
CA LYS A 128 12.64 -14.17 13.90
C LYS A 128 12.62 -12.68 13.57
N ASN A 129 11.55 -12.24 12.91
CA ASN A 129 11.40 -10.84 12.55
C ASN A 129 10.07 -10.29 13.02
N SER A 130 9.82 -9.02 12.75
CA SER A 130 8.61 -8.35 13.22
C SER A 130 7.45 -8.48 12.25
N TRP A 131 7.71 -9.06 11.08
CA TRP A 131 6.69 -9.18 10.05
C TRP A 131 6.31 -10.64 9.79
N ASN A 132 7.16 -11.56 10.20
CA ASN A 132 6.91 -12.98 10.00
C ASN A 132 5.74 -13.47 10.86
N THR A 133 5.03 -14.46 10.35
CA THR A 133 3.92 -15.07 11.09
C THR A 133 4.39 -16.32 11.82
N GLY A 134 3.44 -17.07 12.36
CA GLY A 134 3.75 -18.34 13.00
C GLY A 134 3.88 -19.46 11.99
N ASN A 135 3.56 -19.14 10.73
CA ASN A 135 3.67 -20.09 9.64
C ASN A 135 5.09 -20.13 9.07
N CYS A 136 5.89 -19.12 9.41
CA CYS A 136 7.24 -18.99 8.87
C CYS A 136 8.11 -20.20 9.24
N THR A 137 8.54 -20.94 8.23
CA THR A 137 9.46 -22.04 8.44
C THR A 137 10.67 -21.92 7.52
N ASN A 138 11.88 -21.90 8.08
CA ASN A 138 13.09 -21.71 7.31
C ASN A 138 13.96 -22.96 7.40
N TYR A 139 15.14 -22.87 6.78
CA TYR A 139 16.12 -23.94 6.86
C TYR A 139 17.19 -23.60 7.88
N PHE A 140 18.19 -24.47 8.01
CA PHE A 140 19.05 -24.51 9.19
C PHE A 140 18.22 -24.73 10.45
N SER A 141 17.08 -25.36 10.29
CA SER A 141 16.13 -25.68 11.34
C SER A 141 16.03 -27.20 11.48
N GLU A 142 15.08 -27.65 12.30
CA GLU A 142 14.84 -29.07 12.47
C GLU A 142 14.62 -29.75 11.12
N ASP A 143 15.12 -30.98 11.00
CA ASP A 143 14.91 -31.77 9.79
C ASP A 143 13.52 -32.40 9.83
N ASN A 144 13.24 -33.23 8.82
CA ASN A 144 12.00 -33.99 8.67
C ASN A 144 10.79 -33.09 8.37
N ILE A 145 10.98 -31.76 8.38
CA ILE A 145 9.86 -30.83 8.25
C ILE A 145 9.05 -31.14 7.00
N THR A 146 7.79 -30.89 7.21
CA THR A 146 6.87 -31.15 6.10
C THR A 146 6.01 -29.91 5.83
N TRP A 147 5.94 -29.49 4.57
CA TRP A 147 5.26 -28.26 4.22
C TRP A 147 3.74 -28.42 4.27
N THR A 148 3.06 -27.37 4.71
CA THR A 148 1.61 -27.38 4.89
C THR A 148 0.97 -26.36 3.95
N LEU A 149 -0.33 -26.52 3.71
CA LEU A 149 -1.07 -25.63 2.81
C LEU A 149 -1.01 -24.17 3.25
N HIS A 150 -0.83 -23.93 4.55
CA HIS A 150 -0.81 -22.56 5.07
C HIS A 150 0.61 -22.09 5.36
N SER A 151 1.57 -23.00 5.27
CA SER A 151 2.96 -22.69 5.59
C SER A 151 3.57 -21.74 4.55
N THR A 152 4.46 -20.87 5.00
CA THR A 152 5.15 -19.93 4.11
C THR A 152 6.64 -19.87 4.42
N SER A 153 7.43 -19.38 3.47
CA SER A 153 8.87 -19.27 3.62
C SER A 153 9.27 -17.85 4.02
N PRO A 154 10.38 -17.71 4.76
CA PRO A 154 10.85 -16.39 5.24
C PRO A 154 11.09 -15.39 4.11
N ALA A 155 11.45 -15.88 2.93
CA ALA A 155 11.62 -15.01 1.76
C ALA A 155 10.26 -14.52 1.28
N GLU A 156 9.33 -15.46 1.11
CA GLU A 156 7.96 -15.14 0.74
C GLU A 156 7.32 -14.22 1.77
N GLU A 157 7.62 -14.46 3.03
CA GLU A 157 7.12 -13.63 4.12
C GLU A 157 7.72 -12.22 4.04
N PHE A 158 9.00 -12.15 3.68
CA PHE A 158 9.70 -10.88 3.62
C PHE A 158 9.17 -10.02 2.46
N TYR A 159 8.91 -10.65 1.33
CA TYR A 159 8.36 -9.91 0.19
C TYR A 159 6.92 -9.52 0.46
N THR A 160 6.13 -10.48 0.91
CA THR A 160 4.69 -10.31 1.06
C THR A 160 4.31 -9.34 2.17
N ARG A 161 4.90 -9.51 3.36
CA ARG A 161 4.44 -8.82 4.55
C ARG A 161 5.29 -7.62 4.96
N HIS A 162 6.45 -7.45 4.36
CA HIS A 162 7.34 -6.37 4.77
C HIS A 162 7.44 -5.26 3.71
N VAL A 163 8.07 -5.57 2.58
CA VAL A 163 8.31 -4.56 1.56
C VAL A 163 7.02 -4.24 0.79
N LEU A 164 6.39 -5.27 0.23
CA LEU A 164 5.15 -5.06 -0.51
C LEU A 164 4.01 -4.76 0.46
N GLN A 165 4.00 -5.48 1.57
CA GLN A 165 2.99 -5.31 2.62
C GLN A 165 1.59 -5.53 2.06
N ILE A 166 1.44 -6.56 1.23
CA ILE A 166 0.22 -6.80 0.49
C ILE A 166 -0.84 -7.48 1.37
N HIS A 167 -0.43 -7.90 2.56
CA HIS A 167 -1.34 -8.54 3.50
C HIS A 167 -2.26 -7.51 4.15
N ARG A 168 -1.95 -6.24 3.93
CA ARG A 168 -2.69 -5.15 4.53
C ARG A 168 -3.84 -4.70 3.63
N SER A 169 -3.96 -5.34 2.48
CA SER A 169 -5.03 -5.02 1.53
C SER A 169 -5.85 -6.25 1.19
N LYS A 170 -7.11 -6.05 0.85
CA LYS A 170 -8.01 -7.14 0.52
C LYS A 170 -8.16 -7.30 -0.99
N GLY A 171 -7.45 -6.48 -1.74
CA GLY A 171 -7.51 -6.52 -3.19
C GLY A 171 -7.54 -5.14 -3.81
N LEU A 172 -8.06 -5.04 -5.03
CA LEU A 172 -8.16 -3.76 -5.73
C LEU A 172 -9.19 -2.86 -5.04
N GLN A 173 -10.21 -3.49 -4.45
CA GLN A 173 -11.27 -2.77 -3.74
C GLN A 173 -10.68 -1.93 -2.62
N ASP A 174 -10.00 -2.59 -1.69
CA ASP A 174 -9.34 -1.91 -0.59
C ASP A 174 -7.83 -2.13 -0.65
N LEU A 175 -7.08 -1.09 -0.97
CA LEU A 175 -5.64 -1.22 -1.13
C LEU A 175 -4.85 -0.17 -0.33
N GLY A 176 -5.51 0.95 0.00
CA GLY A 176 -4.86 2.02 0.73
C GLY A 176 -4.43 1.61 2.13
N GLY A 177 -3.51 2.36 2.72
CA GLY A 177 -2.92 3.53 2.09
C GLY A 177 -1.55 3.31 1.49
N ILE A 178 -0.73 4.35 1.48
CA ILE A 178 0.57 4.33 0.82
C ILE A 178 1.70 3.98 1.80
N SER A 179 2.65 3.17 1.34
CA SER A 179 3.85 2.89 2.12
C SER A 179 4.90 3.96 1.86
N TRP A 180 5.38 4.57 2.94
CA TRP A 180 6.33 5.69 2.82
C TRP A 180 7.74 5.26 2.44
N GLN A 181 8.09 4.01 2.78
CA GLN A 181 9.41 3.47 2.47
C GLN A 181 9.64 3.40 0.97
N LEU A 182 8.74 2.70 0.28
CA LEU A 182 8.81 2.55 -1.17
C LEU A 182 8.60 3.89 -1.84
N ALA A 183 7.98 4.83 -1.12
CA ALA A 183 7.82 6.19 -1.62
C ALA A 183 9.18 6.88 -1.64
N LEU A 184 9.94 6.72 -0.56
CA LEU A 184 11.29 7.26 -0.50
C LEU A 184 12.19 6.59 -1.53
N CYS A 185 12.03 5.28 -1.68
CA CYS A 185 12.79 4.54 -2.68
C CYS A 185 12.51 5.06 -4.09
N ILE A 186 11.24 5.16 -4.44
CA ILE A 186 10.84 5.60 -5.78
C ILE A 186 11.19 7.08 -5.97
N MET A 187 11.37 7.80 -4.86
CA MET A 187 11.84 9.18 -4.92
C MET A 187 13.32 9.20 -5.29
N LEU A 188 14.09 8.30 -4.69
CA LEU A 188 15.50 8.16 -5.02
C LEU A 188 15.67 7.77 -6.48
N ILE A 189 14.78 6.91 -6.97
CA ILE A 189 14.82 6.47 -8.36
C ILE A 189 14.45 7.62 -9.29
N PHE A 190 13.38 8.33 -8.96
CA PHE A 190 12.95 9.47 -9.76
C PHE A 190 13.96 10.61 -9.70
N THR A 191 14.89 10.51 -8.75
CA THR A 191 15.97 11.47 -8.63
C THR A 191 17.17 11.04 -9.47
N VAL A 192 17.41 9.73 -9.52
CA VAL A 192 18.57 9.21 -10.24
C VAL A 192 18.32 9.20 -11.75
N ILE A 193 17.06 9.28 -12.16
CA ILE A 193 16.74 9.33 -13.58
C ILE A 193 16.68 10.77 -14.04
N TYR A 194 16.46 11.68 -13.10
CA TYR A 194 16.36 13.10 -13.42
C TYR A 194 17.71 13.64 -13.88
N PHE A 195 18.76 13.33 -13.12
CA PHE A 195 20.09 13.83 -13.42
C PHE A 195 20.74 13.07 -14.58
N SER A 196 20.03 12.10 -15.13
CA SER A 196 20.52 11.33 -16.26
C SER A 196 19.80 11.74 -17.55
N ILE A 197 18.89 12.70 -17.44
CA ILE A 197 18.07 13.11 -18.56
C ILE A 197 18.05 14.63 -18.71
N TRP A 198 18.08 15.34 -17.58
CA TRP A 198 17.86 16.79 -17.55
C TRP A 198 18.80 17.59 -18.45
N LYS A 199 20.01 17.09 -18.66
CA LYS A 199 20.98 17.79 -19.51
C LYS A 199 20.82 17.40 -20.96
N GLY A 200 19.95 16.41 -21.22
CA GLY A 200 19.67 15.99 -22.57
C GLY A 200 20.29 14.66 -22.96
N VAL A 201 20.64 14.53 -24.24
CA VAL A 201 21.22 13.29 -24.76
C VAL A 201 22.70 13.17 -24.40
N LYS A 202 23.27 14.25 -23.87
CA LYS A 202 24.68 14.27 -23.49
C LYS A 202 24.94 13.35 -22.30
N THR A 203 24.09 13.45 -21.29
CA THR A 203 24.24 12.63 -20.09
C THR A 203 23.60 11.26 -20.26
N SER A 204 22.48 11.20 -20.99
CA SER A 204 21.78 9.95 -21.21
C SER A 204 22.58 9.00 -22.09
N GLY A 205 23.66 9.52 -22.68
CA GLY A 205 24.57 8.70 -23.45
C GLY A 205 25.80 8.32 -22.63
N LYS A 206 25.93 8.96 -21.47
CA LYS A 206 27.06 8.70 -20.58
C LYS A 206 26.66 7.86 -19.37
N VAL A 207 25.47 8.09 -18.85
CA VAL A 207 24.97 7.33 -17.70
C VAL A 207 24.68 5.90 -18.13
N VAL A 208 24.29 5.74 -19.39
CA VAL A 208 23.97 4.43 -19.95
C VAL A 208 25.20 3.51 -19.93
N TRP A 209 26.38 4.11 -20.01
CA TRP A 209 27.64 3.35 -19.99
C TRP A 209 27.72 2.35 -18.84
N VAL A 210 27.24 2.75 -17.67
CA VAL A 210 27.26 1.89 -16.50
C VAL A 210 26.06 0.96 -16.48
N THR A 211 24.87 1.54 -16.68
CA THR A 211 23.61 0.83 -16.54
C THR A 211 23.45 -0.30 -17.55
N ALA A 212 24.12 -0.19 -18.69
CA ALA A 212 23.96 -1.17 -19.76
C ALA A 212 25.07 -2.21 -19.76
N THR A 213 26.18 -1.89 -19.11
CA THR A 213 27.33 -2.79 -19.09
C THR A 213 27.39 -3.61 -17.80
N PHE A 214 26.85 -3.07 -16.72
CA PHE A 214 26.82 -3.78 -15.44
C PHE A 214 26.03 -5.10 -15.44
N PRO A 215 24.81 -5.12 -16.05
CA PRO A 215 24.05 -6.37 -16.00
C PRO A 215 24.74 -7.57 -16.64
N TYR A 216 25.56 -7.36 -17.67
CA TYR A 216 26.24 -8.49 -18.31
C TYR A 216 27.32 -9.06 -17.40
N ILE A 217 28.00 -8.17 -16.70
CA ILE A 217 29.02 -8.58 -15.73
C ILE A 217 28.38 -9.36 -14.60
N ALA A 218 27.34 -8.78 -14.02
CA ALA A 218 26.60 -9.42 -12.92
C ALA A 218 26.03 -10.77 -13.35
N LEU A 219 25.49 -10.81 -14.56
CA LEU A 219 24.95 -12.05 -15.13
C LEU A 219 26.07 -13.08 -15.31
N SER A 220 27.27 -12.63 -15.64
CA SER A 220 28.41 -13.53 -15.77
C SER A 220 28.76 -14.14 -14.42
N VAL A 221 28.82 -13.29 -13.39
CA VAL A 221 29.13 -13.75 -12.04
C VAL A 221 28.10 -14.77 -11.56
N LEU A 222 26.83 -14.42 -11.74
CA LEU A 222 25.73 -15.30 -11.38
C LEU A 222 25.76 -16.59 -12.19
N LEU A 223 26.31 -16.51 -13.40
CA LEU A 223 26.37 -17.67 -14.30
C LEU A 223 27.41 -18.66 -13.78
N VAL A 224 28.62 -18.17 -13.55
CA VAL A 224 29.70 -19.03 -13.06
C VAL A 224 29.38 -19.48 -11.63
N ARG A 225 28.52 -18.75 -10.95
CA ARG A 225 28.07 -19.15 -9.62
C ARG A 225 27.07 -20.31 -9.72
N GLY A 226 26.04 -20.12 -10.52
CA GLY A 226 24.98 -21.10 -10.65
C GLY A 226 25.42 -22.38 -11.34
N ALA A 227 26.47 -22.28 -12.15
CA ALA A 227 27.01 -23.46 -12.83
C ALA A 227 27.76 -24.36 -11.85
N THR A 228 28.28 -23.77 -10.78
CA THR A 228 29.02 -24.52 -9.78
C THR A 228 28.10 -25.16 -8.75
N LEU A 229 26.84 -24.74 -8.73
CA LEU A 229 25.86 -25.27 -7.80
C LEU A 229 25.46 -26.70 -8.19
N PRO A 230 25.36 -27.59 -7.20
CA PRO A 230 25.01 -29.00 -7.44
C PRO A 230 23.57 -29.17 -7.89
N GLY A 231 23.35 -30.07 -8.84
CA GLY A 231 22.01 -30.34 -9.35
C GLY A 231 21.45 -29.23 -10.22
N ALA A 232 22.34 -28.43 -10.81
CA ALA A 232 21.93 -27.31 -11.65
C ALA A 232 21.60 -27.79 -13.06
N TRP A 233 21.93 -29.04 -13.35
CA TRP A 233 21.68 -29.62 -14.67
C TRP A 233 20.19 -29.83 -14.92
N ARG A 234 19.42 -29.93 -13.84
CA ARG A 234 17.97 -30.16 -13.95
C ARG A 234 17.27 -28.96 -14.57
N GLY A 235 17.65 -27.77 -14.14
CA GLY A 235 17.07 -26.55 -14.67
C GLY A 235 17.42 -26.31 -16.12
N VAL A 236 18.65 -26.66 -16.49
CA VAL A 236 19.08 -26.53 -17.88
C VAL A 236 18.35 -27.54 -18.74
N LEU A 237 18.17 -28.74 -18.20
CA LEU A 237 17.44 -29.80 -18.90
C LEU A 237 16.00 -29.38 -19.14
N PHE A 238 15.37 -28.85 -18.11
CA PHE A 238 13.99 -28.38 -18.21
C PHE A 238 13.91 -27.14 -19.11
N TYR A 239 15.04 -26.44 -19.24
CA TYR A 239 15.12 -25.22 -20.03
C TYR A 239 15.25 -25.51 -21.52
N LEU A 240 15.91 -26.61 -21.86
CA LEU A 240 16.22 -26.90 -23.26
C LEU A 240 15.52 -28.14 -23.80
N LYS A 241 14.76 -28.84 -22.96
CA LYS A 241 14.08 -30.06 -23.39
C LYS A 241 13.04 -29.76 -24.47
N PRO A 242 13.24 -30.31 -25.66
CA PRO A 242 12.36 -30.06 -26.82
C PRO A 242 10.99 -30.69 -26.68
N ASN A 243 9.94 -29.88 -26.82
CA ASN A 243 8.57 -30.38 -26.85
C ASN A 243 7.92 -29.93 -28.16
N TRP A 244 8.19 -30.69 -29.23
CA TRP A 244 7.75 -30.31 -30.57
C TRP A 244 6.23 -30.35 -30.74
N GLN A 245 5.54 -30.94 -29.77
CA GLN A 245 4.09 -30.99 -29.81
C GLN A 245 3.46 -29.64 -29.48
N LYS A 246 4.29 -28.73 -28.95
CA LYS A 246 3.83 -27.39 -28.61
C LYS A 246 3.69 -26.52 -29.84
N LEU A 247 4.52 -26.77 -30.85
CA LEU A 247 4.49 -25.99 -32.08
C LEU A 247 3.17 -26.18 -32.84
N LEU A 248 2.49 -27.30 -32.57
CA LEU A 248 1.21 -27.57 -33.20
C LEU A 248 0.13 -26.64 -32.63
N GLU A 249 0.33 -26.22 -31.38
CA GLU A 249 -0.59 -25.30 -30.74
C GLU A 249 -0.41 -23.89 -31.28
N THR A 250 -1.52 -23.26 -31.66
CA THR A 250 -1.48 -21.93 -32.25
C THR A 250 -1.20 -20.85 -31.20
N GLY A 251 -1.14 -21.26 -29.94
CA GLY A 251 -0.94 -20.33 -28.85
C GLY A 251 0.50 -19.89 -28.64
N VAL A 252 1.43 -20.84 -28.73
CA VAL A 252 2.83 -20.55 -28.46
C VAL A 252 3.42 -19.61 -29.51
N TRP A 253 2.86 -19.62 -30.71
CA TRP A 253 3.31 -18.73 -31.77
C TRP A 253 2.93 -17.29 -31.44
N ILE A 254 1.72 -17.12 -30.92
CA ILE A 254 1.23 -15.81 -30.50
C ILE A 254 2.03 -15.33 -29.30
N ASP A 255 2.34 -16.26 -28.40
CA ASP A 255 3.15 -15.95 -27.22
C ASP A 255 4.54 -15.46 -27.64
N ALA A 256 5.14 -16.13 -28.62
CA ALA A 256 6.45 -15.76 -29.13
C ALA A 256 6.39 -14.39 -29.80
N ALA A 257 5.36 -14.18 -30.61
CA ALA A 257 5.17 -12.91 -31.31
C ALA A 257 5.07 -11.75 -30.32
N ALA A 258 4.16 -11.89 -29.35
CA ALA A 258 3.98 -10.86 -28.34
C ALA A 258 5.27 -10.61 -27.58
N GLN A 259 5.88 -11.79 -27.22
CA GLN A 259 7.12 -11.69 -26.44
C GLN A 259 8.20 -10.91 -27.21
N ILE A 260 8.36 -11.23 -28.49
CA ILE A 260 9.39 -10.59 -29.29
C ILE A 260 9.01 -9.15 -29.63
N PHE A 261 7.72 -8.83 -29.53
CA PHE A 261 7.29 -7.45 -29.75
C PHE A 261 7.68 -6.55 -28.58
N PHE A 262 7.28 -6.98 -27.42
CA PHE A 262 7.57 -6.28 -26.23
C PHE A 262 9.03 -6.25 -25.92
N SER A 263 9.78 -7.29 -26.19
CA SER A 263 11.20 -7.14 -25.94
C SER A 263 11.80 -6.08 -26.85
N LEU A 264 11.39 -6.05 -28.12
CA LEU A 264 11.91 -5.03 -29.02
C LEU A 264 11.41 -3.62 -28.75
N GLY A 265 10.16 -3.48 -28.37
CA GLY A 265 9.63 -2.19 -27.99
C GLY A 265 9.60 -1.15 -29.07
N PRO A 266 9.31 -1.59 -30.27
CA PRO A 266 9.16 -0.73 -31.43
C PRO A 266 7.86 -0.01 -31.33
N GLY A 267 7.66 1.04 -32.11
CA GLY A 267 6.34 1.61 -32.29
C GLY A 267 5.93 2.58 -31.23
N PHE A 268 6.88 2.95 -30.40
CA PHE A 268 6.61 3.72 -29.19
C PHE A 268 7.22 5.11 -29.31
N GLY A 269 8.14 5.28 -30.26
CA GLY A 269 8.76 6.57 -30.50
C GLY A 269 10.07 6.78 -29.78
N VAL A 270 10.45 5.81 -28.96
CA VAL A 270 11.72 5.86 -28.24
C VAL A 270 12.87 5.72 -29.24
N LEU A 271 12.80 4.69 -30.07
CA LEU A 271 13.78 4.45 -31.10
C LEU A 271 13.79 5.61 -32.10
N LEU A 272 12.61 6.20 -32.28
CA LEU A 272 12.46 7.37 -33.15
C LEU A 272 13.28 8.53 -32.62
N ALA A 273 13.15 8.79 -31.32
CA ALA A 273 13.87 9.89 -30.68
C ALA A 273 15.37 9.62 -30.65
N PHE A 274 15.76 8.40 -30.33
CA PHE A 274 17.17 8.03 -30.29
C PHE A 274 17.81 8.12 -31.66
N ALA A 275 17.04 7.79 -32.69
CA ALA A 275 17.53 7.84 -34.06
C ALA A 275 17.59 9.28 -34.56
N SER A 276 16.71 10.13 -34.03
CA SER A 276 16.66 11.54 -34.40
C SER A 276 18.01 12.23 -34.19
N TYR A 277 18.62 11.99 -33.04
CA TYR A 277 19.94 12.51 -32.75
C TYR A 277 21.02 11.58 -33.29
N ASN A 278 21.33 11.71 -34.57
CA ASN A 278 22.35 10.87 -35.19
C ASN A 278 22.76 11.41 -36.54
N LYS A 279 23.83 10.87 -37.11
CA LYS A 279 24.30 11.27 -38.42
C LYS A 279 23.30 10.87 -39.49
N PHE A 280 23.14 11.72 -40.50
CA PHE A 280 22.17 11.46 -41.55
C PHE A 280 22.62 10.32 -42.45
N ASN A 281 23.92 10.27 -42.73
CA ASN A 281 24.49 9.24 -43.59
C ASN A 281 24.84 7.99 -42.80
N ASN A 282 24.54 8.01 -41.51
CA ASN A 282 24.85 6.88 -40.64
C ASN A 282 24.01 5.66 -41.00
N ASN A 283 24.61 4.48 -40.86
CA ASN A 283 23.93 3.23 -41.20
C ASN A 283 22.85 2.88 -40.18
N CYS A 284 21.71 2.41 -40.67
CA CYS A 284 20.60 2.03 -39.81
C CYS A 284 20.46 0.50 -39.74
N TYR A 285 20.82 -0.16 -40.84
CA TYR A 285 20.72 -1.61 -40.96
C TYR A 285 21.52 -2.34 -39.89
N GLN A 286 22.83 -2.09 -39.89
CA GLN A 286 23.75 -2.74 -38.97
C GLN A 286 23.39 -2.45 -37.50
N ASP A 287 23.05 -1.20 -37.22
CA ASP A 287 22.67 -0.79 -35.87
C ASP A 287 21.50 -1.62 -35.33
N ALA A 288 20.39 -1.60 -36.07
CA ALA A 288 19.19 -2.34 -35.70
C ALA A 288 19.49 -3.83 -35.54
N LEU A 289 20.18 -4.39 -36.53
CA LEU A 289 20.52 -5.81 -36.52
C LEU A 289 21.27 -6.19 -35.25
N VAL A 290 22.43 -5.56 -35.04
CA VAL A 290 23.28 -5.82 -33.89
C VAL A 290 22.50 -5.67 -32.59
N THR A 291 21.81 -4.55 -32.41
CA THR A 291 21.27 -4.32 -31.10
C THR A 291 20.32 -5.45 -30.77
N SER A 292 19.47 -5.76 -31.72
CA SER A 292 18.44 -6.73 -31.47
C SER A 292 19.08 -8.05 -31.19
N VAL A 293 20.10 -8.38 -31.95
CA VAL A 293 20.67 -9.70 -31.86
C VAL A 293 21.19 -9.85 -30.46
N VAL A 294 21.72 -8.77 -29.91
CA VAL A 294 22.01 -8.77 -28.47
C VAL A 294 20.85 -8.88 -27.44
N ASN A 295 19.80 -8.08 -27.61
CA ASN A 295 18.63 -8.11 -26.72
C ASN A 295 18.09 -9.52 -26.53
N CYS A 296 18.03 -10.24 -27.64
CA CYS A 296 17.77 -11.66 -27.62
C CYS A 296 18.85 -12.56 -27.04
N MET A 297 20.11 -12.35 -27.39
CA MET A 297 21.12 -13.28 -26.95
C MET A 297 21.15 -13.18 -25.45
N THR A 298 21.03 -11.94 -25.02
CA THR A 298 21.08 -11.58 -23.64
C THR A 298 19.97 -12.29 -22.91
N SER A 299 18.77 -12.28 -23.49
CA SER A 299 17.68 -13.10 -22.94
C SER A 299 18.09 -14.57 -22.84
N PHE A 300 18.75 -15.06 -23.89
CA PHE A 300 19.13 -16.46 -23.99
C PHE A 300 20.07 -16.90 -22.86
N VAL A 301 21.09 -16.08 -22.58
CA VAL A 301 22.03 -16.41 -21.50
C VAL A 301 21.39 -16.17 -20.14
N SER A 302 20.50 -15.17 -20.08
CA SER A 302 19.76 -14.90 -18.86
C SER A 302 18.97 -16.13 -18.44
N GLY A 303 18.46 -16.85 -19.44
CA GLY A 303 17.79 -18.11 -19.21
C GLY A 303 18.63 -19.09 -18.40
N PHE A 304 19.90 -19.23 -18.78
CA PHE A 304 20.82 -20.08 -18.04
C PHE A 304 21.05 -19.53 -16.64
N VAL A 305 21.26 -18.21 -16.56
CA VAL A 305 21.49 -17.55 -15.28
C VAL A 305 20.38 -17.86 -14.28
N ILE A 306 19.15 -17.93 -14.77
CA ILE A 306 18.01 -18.24 -13.90
C ILE A 306 17.90 -19.74 -13.62
N PHE A 307 17.96 -20.55 -14.67
CA PHE A 307 17.63 -21.97 -14.56
C PHE A 307 18.73 -22.82 -13.91
N THR A 308 19.96 -22.33 -13.85
CA THR A 308 20.99 -23.03 -13.11
C THR A 308 20.66 -22.92 -11.62
N VAL A 309 20.28 -21.73 -11.21
CA VAL A 309 19.96 -21.44 -9.81
C VAL A 309 18.66 -22.14 -9.41
N LEU A 310 17.66 -22.11 -10.29
CA LEU A 310 16.39 -22.77 -10.03
C LEU A 310 16.55 -24.28 -10.05
N GLY A 311 17.50 -24.75 -10.85
CA GLY A 311 17.83 -26.17 -10.89
C GLY A 311 18.45 -26.60 -9.58
N TYR A 312 19.37 -25.77 -9.08
CA TYR A 312 20.00 -26.00 -7.78
C TYR A 312 18.95 -25.98 -6.67
N MET A 313 17.97 -25.09 -6.81
CA MET A 313 16.90 -24.95 -5.83
C MET A 313 16.00 -26.18 -5.85
N ALA A 314 15.80 -26.74 -7.03
CA ALA A 314 14.99 -27.94 -7.19
C ALA A 314 15.75 -29.15 -6.66
N GLU A 315 17.08 -29.10 -6.75
CA GLU A 315 17.93 -30.17 -6.23
C GLU A 315 17.91 -30.16 -4.70
N MET A 316 18.01 -28.95 -4.13
CA MET A 316 17.98 -28.80 -2.68
C MET A 316 16.62 -29.23 -2.13
N ARG A 317 15.57 -28.86 -2.84
CA ARG A 317 14.22 -29.38 -2.55
C ARG A 317 14.07 -30.71 -3.26
N ASN A 318 12.91 -30.96 -3.87
CA ASN A 318 12.72 -32.23 -4.57
C ASN A 318 12.08 -32.09 -5.97
N GLU A 319 12.87 -31.56 -6.90
CA GLU A 319 12.65 -31.72 -8.34
C GLU A 319 11.37 -31.10 -8.89
N ASP A 320 11.09 -31.44 -10.15
CA ASP A 320 10.01 -30.82 -10.93
C ASP A 320 10.14 -29.32 -10.86
N VAL A 321 11.07 -28.78 -11.64
CA VAL A 321 11.44 -27.37 -11.61
C VAL A 321 10.22 -26.47 -11.81
N SER A 322 9.19 -26.99 -12.48
CA SER A 322 7.93 -26.27 -12.64
C SER A 322 7.30 -25.93 -11.29
N GLU A 323 7.48 -26.81 -10.31
CA GLU A 323 6.92 -26.59 -8.98
C GLU A 323 7.56 -25.38 -8.29
N VAL A 324 8.87 -25.24 -8.43
CA VAL A 324 9.57 -24.12 -7.82
C VAL A 324 9.43 -22.89 -8.70
N ALA A 325 8.98 -23.10 -9.94
CA ALA A 325 8.80 -22.00 -10.88
C ALA A 325 7.35 -21.88 -11.34
N LYS A 326 6.41 -22.16 -10.44
CA LYS A 326 4.99 -22.05 -10.76
C LYS A 326 4.59 -20.59 -10.99
N ASP A 327 4.94 -19.73 -10.05
CA ASP A 327 4.59 -18.32 -10.13
C ASP A 327 5.40 -17.62 -11.22
N ALA A 328 4.70 -16.98 -12.16
CA ALA A 328 5.33 -16.27 -13.25
C ALA A 328 5.24 -14.77 -13.05
N GLY A 329 6.15 -14.23 -12.24
CA GLY A 329 6.18 -12.81 -11.96
C GLY A 329 7.42 -12.39 -11.22
N PRO A 330 7.38 -11.22 -10.58
CA PRO A 330 8.50 -10.70 -9.78
C PRO A 330 8.86 -11.64 -8.63
N SER A 331 7.92 -12.47 -8.21
CA SER A 331 8.14 -13.41 -7.11
C SER A 331 9.22 -14.43 -7.47
N LEU A 332 9.41 -14.66 -8.76
CA LEU A 332 10.44 -15.57 -9.23
C LEU A 332 11.82 -15.00 -8.92
N LEU A 333 11.91 -13.68 -8.84
CA LEU A 333 13.16 -13.01 -8.56
C LEU A 333 13.27 -12.59 -7.09
N PHE A 334 12.17 -12.05 -6.56
CA PHE A 334 12.18 -11.48 -5.22
C PHE A 334 12.01 -12.52 -4.12
N ILE A 335 11.48 -13.69 -4.47
CA ILE A 335 11.27 -14.73 -3.48
C ILE A 335 12.13 -15.95 -3.76
N THR A 336 11.84 -16.64 -4.87
CA THR A 336 12.52 -17.88 -5.23
C THR A 336 14.03 -17.69 -5.37
N TYR A 337 14.42 -16.86 -6.33
CA TYR A 337 15.83 -16.61 -6.62
C TYR A 337 16.56 -16.03 -5.41
N ALA A 338 15.88 -15.14 -4.70
CA ALA A 338 16.45 -14.51 -3.51
C ALA A 338 16.68 -15.55 -2.41
N GLU A 339 15.70 -16.42 -2.20
CA GLU A 339 15.81 -17.48 -1.21
C GLU A 339 16.95 -18.43 -1.59
N ALA A 340 17.15 -18.59 -2.90
CA ALA A 340 18.26 -19.40 -3.38
C ALA A 340 19.60 -18.72 -3.11
N ILE A 341 19.61 -17.39 -3.20
CA ILE A 341 20.81 -16.61 -2.94
C ILE A 341 21.20 -16.69 -1.47
N ALA A 342 20.18 -16.65 -0.60
CA ALA A 342 20.41 -16.64 0.84
C ALA A 342 21.12 -17.89 1.34
N ASN A 343 20.95 -19.00 0.62
CA ASN A 343 21.52 -20.28 1.04
C ASN A 343 22.89 -20.54 0.40
N MET A 344 23.55 -19.48 -0.03
CA MET A 344 24.86 -19.60 -0.67
C MET A 344 25.91 -18.79 0.07
N PRO A 345 27.18 -19.23 0.00
CA PRO A 345 28.28 -18.47 0.59
C PRO A 345 28.43 -17.10 -0.06
N ALA A 346 28.88 -16.11 0.70
CA ALA A 346 28.96 -14.72 0.25
C ALA A 346 27.60 -14.25 -0.25
N SER A 347 26.56 -14.57 0.52
CA SER A 347 25.18 -14.27 0.17
C SER A 347 24.94 -12.77 0.03
N THR A 348 25.56 -11.98 0.90
CA THR A 348 25.45 -10.53 0.85
C THR A 348 25.90 -10.00 -0.51
N PHE A 349 27.04 -10.50 -0.97
CA PHE A 349 27.61 -10.14 -2.27
C PHE A 349 26.64 -10.45 -3.41
N PHE A 350 26.27 -11.71 -3.54
CA PHE A 350 25.39 -12.17 -4.62
C PHE A 350 24.00 -11.57 -4.54
N ALA A 351 23.64 -11.00 -3.39
CA ALA A 351 22.38 -10.31 -3.25
C ALA A 351 22.51 -8.87 -3.76
N ILE A 352 23.57 -8.21 -3.31
CA ILE A 352 23.85 -6.83 -3.68
C ILE A 352 23.99 -6.68 -5.19
N ILE A 353 24.81 -7.53 -5.80
CA ILE A 353 25.06 -7.39 -7.25
C ILE A 353 23.81 -7.77 -8.04
N PHE A 354 22.96 -8.61 -7.46
CA PHE A 354 21.74 -9.06 -8.12
C PHE A 354 20.70 -7.94 -8.16
N PHE A 355 20.41 -7.36 -6.99
CA PHE A 355 19.43 -6.29 -6.92
C PHE A 355 19.94 -5.06 -7.68
N LEU A 356 21.24 -4.81 -7.55
CA LEU A 356 21.88 -3.73 -8.30
C LEU A 356 21.72 -4.00 -9.79
N MET A 357 21.82 -5.26 -10.17
CA MET A 357 21.60 -5.66 -11.56
C MET A 357 20.19 -5.32 -12.00
N LEU A 358 19.19 -5.67 -11.22
CA LEU A 358 17.78 -5.38 -11.45
C LEU A 358 17.53 -3.89 -11.66
N ILE A 359 18.03 -3.09 -10.73
CA ILE A 359 17.90 -1.63 -10.81
C ILE A 359 18.51 -1.09 -12.11
N THR A 360 19.70 -1.55 -12.44
CA THR A 360 20.38 -1.12 -13.66
C THR A 360 19.70 -1.71 -14.91
N LEU A 361 18.97 -2.80 -14.73
CA LEU A 361 18.18 -3.38 -15.80
C LEU A 361 17.03 -2.42 -16.10
N GLY A 362 16.46 -1.87 -15.03
CA GLY A 362 15.33 -0.96 -15.18
C GLY A 362 15.61 0.48 -15.58
N LEU A 363 16.67 1.07 -15.06
CA LEU A 363 16.81 2.50 -15.26
C LEU A 363 16.99 2.86 -16.70
N ASP A 364 17.85 2.12 -17.40
CA ASP A 364 18.24 2.50 -18.74
C ASP A 364 17.04 2.47 -19.60
N SER A 365 16.23 1.48 -19.36
CA SER A 365 14.97 1.31 -20.08
C SER A 365 13.99 2.41 -19.68
N SER A 366 14.17 2.94 -18.48
CA SER A 366 13.33 4.02 -17.98
C SER A 366 13.84 5.38 -18.45
N PHE A 367 15.14 5.46 -18.70
CA PHE A 367 15.74 6.67 -19.25
C PHE A 367 15.12 7.02 -20.59
N ALA A 368 15.16 6.06 -21.49
CA ALA A 368 14.63 6.28 -22.83
C ALA A 368 13.14 6.47 -22.76
N GLY A 369 12.52 5.61 -22.01
CA GLY A 369 11.07 5.72 -21.88
C GLY A 369 10.58 7.14 -21.71
N LEU A 370 11.23 7.90 -20.83
CA LEU A 370 10.89 9.30 -20.66
C LEU A 370 11.47 10.15 -21.78
N GLU A 371 12.66 9.74 -22.23
CA GLU A 371 13.43 10.48 -23.23
C GLU A 371 12.63 10.70 -24.51
N GLY A 372 11.95 9.65 -24.96
CA GLY A 372 11.16 9.73 -26.18
C GLY A 372 10.03 10.75 -26.09
N VAL A 373 9.30 10.70 -24.98
CA VAL A 373 8.18 11.60 -24.76
C VAL A 373 8.66 13.04 -24.66
N ILE A 374 9.70 13.26 -23.85
CA ILE A 374 10.27 14.59 -23.68
C ILE A 374 10.72 15.16 -25.02
N THR A 375 11.42 14.34 -25.80
CA THR A 375 11.87 14.74 -27.12
C THR A 375 10.69 15.11 -28.01
N ALA A 376 9.62 14.31 -27.95
CA ALA A 376 8.43 14.57 -28.74
C ALA A 376 7.79 15.91 -28.40
N VAL A 377 7.57 16.15 -27.12
CA VAL A 377 6.93 17.39 -26.68
C VAL A 377 7.79 18.61 -27.00
N LEU A 378 9.10 18.49 -26.78
CA LEU A 378 10.00 19.59 -27.05
C LEU A 378 10.08 19.88 -28.56
N ASP A 379 9.96 18.85 -29.37
CA ASP A 379 9.98 19.01 -30.82
C ASP A 379 8.62 19.48 -31.35
N GLU A 380 7.56 19.20 -30.62
CA GLU A 380 6.23 19.65 -31.02
C GLU A 380 5.93 21.07 -30.58
N PHE A 381 6.50 21.37 -29.41
CA PHE A 381 6.33 22.73 -28.93
C PHE A 381 7.70 23.40 -28.80
N PRO A 382 8.38 23.64 -29.92
CA PRO A 382 9.73 24.22 -29.84
C PRO A 382 9.69 25.71 -29.55
N HIS A 383 10.67 26.15 -28.74
CA HIS A 383 10.90 27.55 -28.39
C HIS A 383 9.79 28.14 -27.53
N VAL A 384 8.63 27.48 -27.51
CA VAL A 384 7.70 27.67 -26.40
C VAL A 384 8.12 26.78 -25.23
N TRP A 385 8.76 25.66 -25.55
CA TRP A 385 9.49 24.82 -24.62
C TRP A 385 10.98 24.93 -24.95
N ALA A 386 11.80 24.13 -24.25
CA ALA A 386 13.26 24.14 -24.33
C ALA A 386 13.86 25.40 -23.72
N LYS A 387 13.01 26.28 -23.20
CA LYS A 387 13.56 27.43 -22.48
C LYS A 387 14.56 26.95 -21.43
N ARG A 388 14.25 25.89 -20.69
CA ARG A 388 15.20 25.01 -20.05
C ARG A 388 14.65 23.59 -20.17
N ARG A 389 15.53 22.60 -20.21
CA ARG A 389 15.08 21.23 -20.31
C ARG A 389 14.78 20.65 -18.93
N GLU A 390 15.58 21.06 -17.95
CA GLU A 390 15.45 20.58 -16.58
C GLU A 390 14.06 20.88 -16.01
N ARG A 391 13.49 22.02 -16.41
CA ARG A 391 12.17 22.42 -15.95
C ARG A 391 11.10 21.43 -16.42
N PHE A 392 11.11 21.14 -17.73
CA PHE A 392 10.13 20.22 -18.30
C PHE A 392 10.33 18.80 -17.79
N VAL A 393 11.57 18.33 -17.77
CA VAL A 393 11.88 17.00 -17.30
C VAL A 393 11.44 16.84 -15.84
N LEU A 394 11.68 17.85 -15.03
CA LEU A 394 11.24 17.86 -13.63
C LEU A 394 9.71 17.79 -13.56
N ALA A 395 9.06 18.60 -14.38
CA ALA A 395 7.61 18.67 -14.43
C ALA A 395 6.99 17.33 -14.84
N VAL A 396 7.75 16.53 -15.58
CA VAL A 396 7.31 15.21 -15.99
C VAL A 396 7.53 14.21 -14.85
N VAL A 397 8.74 14.22 -14.29
CA VAL A 397 9.13 13.29 -13.24
C VAL A 397 8.22 13.39 -12.02
N ILE A 398 7.94 14.61 -11.59
CA ILE A 398 7.07 14.82 -10.43
C ILE A 398 5.66 14.27 -10.71
N THR A 399 5.15 14.57 -11.89
CA THR A 399 3.83 14.09 -12.31
C THR A 399 3.77 12.57 -12.30
N CYS A 400 4.85 11.94 -12.78
CA CYS A 400 4.94 10.48 -12.76
C CYS A 400 5.00 9.96 -11.34
N PHE A 401 5.63 10.73 -10.45
CA PHE A 401 5.71 10.35 -9.05
C PHE A 401 4.33 10.32 -8.42
N PHE A 402 3.57 11.39 -8.63
CA PHE A 402 2.21 11.44 -8.10
C PHE A 402 1.32 10.39 -8.79
N GLY A 403 1.70 10.03 -10.01
CA GLY A 403 0.98 9.01 -10.74
C GLY A 403 1.34 7.60 -10.31
N SER A 404 2.41 7.49 -9.53
CA SER A 404 2.88 6.19 -9.06
C SER A 404 2.47 5.93 -7.61
N LEU A 405 1.81 6.90 -6.99
CA LEU A 405 1.39 6.77 -5.61
C LEU A 405 0.31 5.71 -5.43
N VAL A 406 -0.46 5.48 -6.50
CA VAL A 406 -1.49 4.45 -6.50
C VAL A 406 -0.84 3.08 -6.44
N THR A 407 0.36 2.99 -7.00
CA THR A 407 1.10 1.73 -7.07
C THR A 407 1.91 1.51 -5.80
N LEU A 408 2.18 2.59 -5.07
CA LEU A 408 2.97 2.50 -3.84
C LEU A 408 2.12 2.06 -2.65
N THR A 409 0.84 1.80 -2.89
CA THR A 409 -0.06 1.37 -1.81
C THR A 409 0.22 -0.07 -1.40
N PHE A 410 -0.46 -0.54 -0.36
CA PHE A 410 -0.28 -1.90 0.12
C PHE A 410 -0.72 -2.91 -0.93
N GLY A 411 -1.82 -2.60 -1.61
CA GLY A 411 -2.30 -3.44 -2.70
C GLY A 411 -1.84 -2.93 -4.04
N GLY A 412 -0.57 -2.56 -4.13
CA GLY A 412 -0.01 -1.99 -5.35
C GLY A 412 0.29 -3.00 -6.45
N ALA A 413 0.75 -4.19 -6.06
CA ALA A 413 1.13 -5.22 -7.03
C ALA A 413 -0.06 -5.62 -7.89
N TYR A 414 -1.25 -5.63 -7.27
CA TYR A 414 -2.49 -5.92 -7.99
C TYR A 414 -2.64 -4.93 -9.13
N VAL A 415 -2.44 -3.65 -8.82
CA VAL A 415 -2.51 -2.57 -9.79
C VAL A 415 -1.43 -2.74 -10.86
N VAL A 416 -0.26 -3.24 -10.46
CA VAL A 416 0.83 -3.47 -11.42
C VAL A 416 0.40 -4.47 -12.47
N LYS A 417 -0.09 -5.62 -12.02
CA LYS A 417 -0.59 -6.65 -12.93
C LYS A 417 -1.70 -6.08 -13.82
N LEU A 418 -2.68 -5.44 -13.20
CA LEU A 418 -3.84 -4.92 -13.92
C LEU A 418 -3.45 -3.95 -15.02
N LEU A 419 -2.57 -3.00 -14.70
CA LEU A 419 -2.14 -1.99 -15.65
C LEU A 419 -1.22 -2.56 -16.72
N GLU A 420 -0.40 -3.53 -16.34
CA GLU A 420 0.58 -4.09 -17.26
C GLU A 420 -0.05 -5.04 -18.27
N GLU A 421 -1.13 -5.70 -17.89
CA GLU A 421 -1.70 -6.72 -18.77
C GLU A 421 -3.03 -6.34 -19.42
N TYR A 422 -3.85 -5.57 -18.71
CA TYR A 422 -5.17 -5.21 -19.23
C TYR A 422 -5.24 -3.81 -19.82
N ALA A 423 -4.27 -2.96 -19.47
CA ALA A 423 -4.33 -1.56 -19.88
C ALA A 423 -3.26 -1.20 -20.91
N THR A 424 -2.03 -1.04 -20.45
CA THR A 424 -0.94 -0.52 -21.29
C THR A 424 -0.63 -1.39 -22.50
N GLY A 425 -0.47 -2.69 -22.27
CA GLY A 425 -0.10 -3.63 -23.32
C GLY A 425 -0.86 -3.58 -24.62
N PRO A 426 -2.17 -3.90 -24.57
CA PRO A 426 -3.01 -3.91 -25.78
C PRO A 426 -3.09 -2.54 -26.45
N ALA A 427 -2.88 -1.49 -25.68
CA ALA A 427 -2.91 -0.13 -26.22
C ALA A 427 -1.62 0.17 -26.99
N VAL A 428 -0.49 -0.27 -26.45
CA VAL A 428 0.79 -0.11 -27.13
C VAL A 428 0.79 -0.93 -28.41
N LEU A 429 0.26 -2.16 -28.33
CA LEU A 429 0.11 -2.99 -29.51
C LEU A 429 -0.80 -2.33 -30.53
N THR A 430 -1.86 -1.69 -30.03
CA THR A 430 -2.83 -1.03 -30.89
C THR A 430 -2.19 0.14 -31.65
N VAL A 431 -1.55 1.05 -30.92
CA VAL A 431 -0.95 2.22 -31.54
C VAL A 431 0.21 1.80 -32.44
N ALA A 432 0.87 0.70 -32.10
CA ALA A 432 1.92 0.15 -32.94
C ALA A 432 1.33 -0.33 -34.25
N LEU A 433 0.14 -0.92 -34.17
CA LEU A 433 -0.59 -1.36 -35.36
C LEU A 433 -0.96 -0.16 -36.22
N ILE A 434 -1.41 0.91 -35.55
CA ILE A 434 -1.81 2.13 -36.25
C ILE A 434 -0.63 2.73 -36.99
N GLU A 435 0.53 2.76 -36.34
CA GLU A 435 1.74 3.28 -36.98
C GLU A 435 2.17 2.42 -38.14
N ALA A 436 2.17 1.10 -37.93
CA ALA A 436 2.57 0.14 -38.96
C ALA A 436 1.68 0.26 -40.20
N VAL A 437 0.40 0.53 -39.97
CA VAL A 437 -0.54 0.71 -41.07
C VAL A 437 -0.32 2.05 -41.75
N ALA A 438 -0.08 3.09 -40.94
CA ALA A 438 0.06 4.45 -41.45
C ALA A 438 1.28 4.64 -42.33
N VAL A 439 2.43 4.15 -41.87
CA VAL A 439 3.67 4.36 -42.61
C VAL A 439 3.67 3.56 -43.92
N SER A 440 3.04 2.39 -43.91
CA SER A 440 3.08 1.50 -45.06
C SER A 440 2.00 1.76 -46.09
N TRP A 441 0.82 2.17 -45.64
CA TRP A 441 -0.33 2.27 -46.54
C TRP A 441 -0.80 3.69 -46.81
N PHE A 442 -0.25 4.67 -46.08
CA PHE A 442 -0.60 6.07 -46.29
C PHE A 442 0.57 6.85 -46.87
N TYR A 443 1.68 6.86 -46.15
CA TYR A 443 2.88 7.57 -46.59
C TYR A 443 3.49 6.90 -47.82
N GLY A 444 3.28 5.59 -47.94
CA GLY A 444 3.81 4.82 -49.05
C GLY A 444 5.11 4.13 -48.70
N ILE A 445 5.16 2.83 -48.95
CA ILE A 445 6.35 2.05 -48.63
C ILE A 445 7.45 2.32 -49.64
N THR A 446 7.04 2.68 -50.86
CA THR A 446 7.99 2.97 -51.93
C THR A 446 8.81 4.23 -51.61
N GLN A 447 8.12 5.26 -51.15
CA GLN A 447 8.78 6.51 -50.78
C GLN A 447 9.70 6.29 -49.58
N PHE A 448 9.29 5.38 -48.70
CA PHE A 448 10.10 5.00 -47.54
C PHE A 448 11.39 4.34 -48.01
N CYS A 449 11.27 3.41 -48.95
CA CYS A 449 12.43 2.73 -49.52
C CYS A 449 13.31 3.71 -50.29
N ARG A 450 12.70 4.78 -50.78
CA ARG A 450 13.44 5.83 -51.47
C ARG A 450 14.23 6.67 -50.48
N ASP A 451 13.63 6.89 -49.30
CA ASP A 451 14.29 7.63 -48.24
C ASP A 451 15.48 6.83 -47.71
N VAL A 452 15.27 5.54 -47.54
CA VAL A 452 16.35 4.63 -47.15
C VAL A 452 17.42 4.63 -48.23
N LYS A 453 16.97 4.71 -49.49
CA LYS A 453 17.88 4.77 -50.63
C LYS A 453 18.69 6.07 -50.60
N GLU A 454 18.14 7.09 -49.97
CA GLU A 454 18.86 8.36 -49.82
C GLU A 454 19.87 8.29 -48.67
N MET A 455 19.45 7.72 -47.55
CA MET A 455 20.31 7.63 -46.38
C MET A 455 21.44 6.62 -46.55
N LEU A 456 21.08 5.37 -46.80
CA LEU A 456 22.07 4.30 -46.90
C LEU A 456 22.75 4.27 -48.26
N GLY A 457 22.17 4.98 -49.23
CA GLY A 457 22.73 5.01 -50.57
C GLY A 457 22.15 3.94 -51.47
N PHE A 458 21.40 3.01 -50.88
CA PHE A 458 20.79 1.93 -51.65
C PHE A 458 19.39 1.59 -51.11
N SER A 459 18.50 1.19 -52.01
CA SER A 459 17.15 0.80 -51.63
C SER A 459 17.15 -0.52 -50.88
N PRO A 460 16.31 -0.64 -49.84
CA PRO A 460 16.22 -1.87 -49.05
C PRO A 460 15.72 -3.05 -49.88
N GLY A 461 16.14 -4.26 -49.51
CA GLY A 461 15.81 -5.46 -50.26
C GLY A 461 14.33 -5.78 -50.30
N TRP A 462 13.97 -6.69 -51.19
CA TRP A 462 12.58 -7.14 -51.33
C TRP A 462 12.12 -7.87 -50.07
N PHE A 463 13.06 -8.52 -49.40
CA PHE A 463 12.78 -9.26 -48.17
C PHE A 463 12.20 -8.38 -47.08
N TRP A 464 12.67 -7.14 -47.01
CA TRP A 464 12.21 -6.20 -46.00
C TRP A 464 10.97 -5.45 -46.46
N ARG A 465 10.91 -5.14 -47.75
CA ARG A 465 9.76 -4.46 -48.31
C ARG A 465 8.50 -5.30 -48.15
N ILE A 466 8.61 -6.58 -48.51
CA ILE A 466 7.48 -7.49 -48.42
C ILE A 466 7.09 -7.70 -46.96
N CYS A 467 8.02 -7.41 -46.04
CA CYS A 467 7.75 -7.50 -44.61
C CYS A 467 6.96 -6.29 -44.13
N TRP A 468 7.38 -5.11 -44.54
CA TRP A 468 6.69 -3.88 -44.14
C TRP A 468 5.30 -3.81 -44.76
N VAL A 469 5.18 -4.30 -45.99
CA VAL A 469 3.92 -4.19 -46.71
C VAL A 469 2.83 -5.05 -46.08
N ALA A 470 3.14 -6.32 -45.83
CA ALA A 470 2.09 -7.26 -45.41
C ALA A 470 2.37 -7.97 -44.09
N ILE A 471 3.61 -8.39 -43.89
CA ILE A 471 3.95 -9.29 -42.80
C ILE A 471 3.82 -8.64 -41.42
N SER A 472 4.33 -7.42 -41.29
CA SER A 472 4.35 -6.74 -39.99
C SER A 472 2.96 -6.29 -39.48
N PRO A 473 2.15 -5.62 -40.33
CA PRO A 473 0.84 -5.23 -39.81
C PRO A 473 -0.02 -6.43 -39.41
N LEU A 474 0.10 -7.52 -40.16
CA LEU A 474 -0.61 -8.75 -39.80
C LEU A 474 0.02 -9.37 -38.57
N PHE A 475 1.31 -9.13 -38.38
CA PHE A 475 2.04 -9.63 -37.22
C PHE A 475 1.50 -9.00 -35.94
N LEU A 476 1.25 -7.70 -35.97
CA LEU A 476 0.66 -7.01 -34.83
C LEU A 476 -0.82 -7.34 -34.70
N LEU A 477 -1.48 -7.41 -35.85
CA LEU A 477 -2.91 -7.68 -35.93
C LEU A 477 -3.26 -9.01 -35.27
N PHE A 478 -2.40 -10.00 -35.48
CA PHE A 478 -2.59 -11.33 -34.91
C PHE A 478 -2.57 -11.29 -33.39
N ILE A 479 -1.63 -10.54 -32.84
CA ILE A 479 -1.47 -10.44 -31.39
C ILE A 479 -2.66 -9.69 -30.78
N ILE A 480 -3.01 -8.56 -31.38
CA ILE A 480 -4.14 -7.76 -30.91
C ILE A 480 -5.43 -8.59 -30.92
N ALA A 481 -5.69 -9.25 -32.05
CA ALA A 481 -6.88 -10.08 -32.19
C ALA A 481 -6.88 -11.21 -31.18
N SER A 482 -5.72 -11.82 -30.98
CA SER A 482 -5.58 -12.92 -30.04
C SER A 482 -5.91 -12.48 -28.61
N PHE A 483 -5.46 -11.29 -28.23
CA PHE A 483 -5.76 -10.77 -26.91
C PHE A 483 -7.24 -10.42 -26.76
N LEU A 484 -7.75 -9.63 -27.69
CA LEU A 484 -9.11 -9.14 -27.62
C LEU A 484 -10.13 -10.27 -27.68
N MET A 485 -9.79 -11.35 -28.37
CA MET A 485 -10.69 -12.49 -28.49
C MET A 485 -10.76 -13.30 -27.19
N SER A 486 -9.69 -13.27 -26.41
CA SER A 486 -9.65 -14.02 -25.15
C SER A 486 -8.61 -13.45 -24.17
N PRO A 487 -8.99 -12.41 -23.42
CA PRO A 487 -8.12 -11.85 -22.39
C PRO A 487 -7.85 -12.85 -21.27
N PRO A 488 -6.58 -12.96 -20.85
CA PRO A 488 -6.17 -13.93 -19.82
C PRO A 488 -6.69 -13.70 -18.41
N GLN A 489 -7.03 -14.78 -17.72
CA GLN A 489 -7.48 -14.68 -16.33
C GLN A 489 -6.37 -14.30 -15.37
N LEU A 490 -6.49 -13.15 -14.72
CA LEU A 490 -5.41 -12.61 -13.90
C LEU A 490 -5.43 -13.24 -12.51
N ARG A 491 -4.25 -13.57 -12.00
CA ARG A 491 -4.09 -14.12 -10.67
C ARG A 491 -2.77 -13.68 -10.05
N LEU A 492 -2.80 -13.30 -8.77
CA LEU A 492 -1.61 -12.86 -8.07
C LEU A 492 -1.71 -13.10 -6.56
N PHE A 493 -0.77 -13.88 -6.03
CA PHE A 493 -0.66 -14.14 -4.59
C PHE A 493 -1.95 -14.69 -3.98
N GLN A 494 -2.37 -15.85 -4.49
CA GLN A 494 -3.57 -16.53 -3.99
C GLN A 494 -4.80 -15.63 -4.02
N TYR A 495 -4.85 -14.74 -5.02
CA TYR A 495 -5.97 -13.81 -5.14
C TYR A 495 -6.41 -13.68 -6.60
N ASN A 496 -7.63 -14.13 -6.88
CA ASN A 496 -8.18 -14.05 -8.23
C ASN A 496 -8.83 -12.70 -8.45
N TYR A 497 -8.53 -12.09 -9.58
CA TYR A 497 -9.07 -10.77 -9.90
C TYR A 497 -10.56 -10.82 -10.16
N PRO A 498 -11.28 -9.78 -9.72
CA PRO A 498 -12.72 -9.65 -9.96
C PRO A 498 -13.06 -9.69 -11.46
N TYR A 499 -14.31 -10.02 -11.75
CA TYR A 499 -14.76 -10.13 -13.14
C TYR A 499 -14.75 -8.78 -13.85
N TRP A 500 -14.84 -7.71 -13.06
CA TRP A 500 -14.90 -6.36 -13.63
C TRP A 500 -13.50 -5.77 -13.86
N SER A 501 -12.46 -6.55 -13.59
CA SER A 501 -11.09 -6.08 -13.74
C SER A 501 -10.79 -5.70 -15.18
N ILE A 502 -11.36 -6.47 -16.11
CA ILE A 502 -11.16 -6.24 -17.53
C ILE A 502 -11.83 -4.93 -17.94
N ILE A 503 -12.91 -4.58 -17.25
CA ILE A 503 -13.64 -3.36 -17.55
C ILE A 503 -12.80 -2.16 -17.15
N LEU A 504 -12.13 -2.26 -16.01
CA LEU A 504 -11.27 -1.20 -15.52
C LEU A 504 -10.02 -1.06 -16.39
N GLY A 505 -9.41 -2.20 -16.71
CA GLY A 505 -8.24 -2.22 -17.57
C GLY A 505 -8.53 -1.64 -18.95
N TYR A 506 -9.65 -2.05 -19.55
CA TYR A 506 -10.07 -1.53 -20.84
C TYR A 506 -10.44 -0.06 -20.74
N ALA A 507 -10.96 0.34 -19.58
CA ALA A 507 -11.34 1.71 -19.35
C ALA A 507 -10.10 2.62 -19.36
N ILE A 508 -9.05 2.18 -18.66
CA ILE A 508 -7.80 2.92 -18.63
C ILE A 508 -7.15 2.88 -20.00
N GLY A 509 -7.26 1.75 -20.69
CA GLY A 509 -6.68 1.58 -22.00
C GLY A 509 -7.26 2.48 -23.07
N THR A 510 -8.59 2.53 -23.14
CA THR A 510 -9.29 3.33 -24.14
C THR A 510 -9.10 4.82 -23.90
N SER A 511 -8.98 5.21 -22.63
CA SER A 511 -8.82 6.62 -22.27
C SER A 511 -7.48 7.18 -22.74
N SER A 512 -6.60 6.30 -23.17
CA SER A 512 -5.28 6.71 -23.64
C SER A 512 -5.32 7.22 -25.07
N PHE A 513 -6.04 6.51 -25.94
CA PHE A 513 -6.12 6.89 -27.34
C PHE A 513 -7.47 7.52 -27.70
N ILE A 514 -8.02 8.30 -26.77
CA ILE A 514 -9.23 9.07 -27.06
C ILE A 514 -8.86 10.27 -27.92
N CYS A 515 -7.56 10.56 -27.99
CA CYS A 515 -7.08 11.77 -28.64
C CYS A 515 -6.96 11.63 -30.15
N ILE A 516 -6.68 10.44 -30.65
CA ILE A 516 -6.46 10.26 -32.09
C ILE A 516 -7.78 10.37 -32.90
N PRO A 517 -8.88 9.74 -32.46
CA PRO A 517 -10.05 9.91 -33.34
C PRO A 517 -10.66 11.30 -33.21
N THR A 518 -10.56 11.89 -32.02
CA THR A 518 -11.08 13.22 -31.78
C THR A 518 -10.20 14.29 -32.44
N TYR A 519 -8.95 13.94 -32.67
CA TYR A 519 -8.04 14.84 -33.37
C TYR A 519 -8.27 14.72 -34.88
N ILE A 520 -8.55 13.49 -35.33
CA ILE A 520 -8.95 13.28 -36.71
C ILE A 520 -10.21 14.10 -36.99
N ALA A 521 -11.15 14.04 -36.05
CA ALA A 521 -12.38 14.81 -36.16
C ALA A 521 -12.10 16.31 -36.07
N TYR A 522 -11.07 16.67 -35.30
CA TYR A 522 -10.68 18.06 -35.14
C TYR A 522 -10.21 18.65 -36.46
N ARG A 523 -9.25 17.98 -37.11
CA ARG A 523 -8.73 18.46 -38.38
C ARG A 523 -9.78 18.34 -39.47
N LEU A 524 -10.62 17.31 -39.37
CA LEU A 524 -11.67 17.09 -40.36
C LEU A 524 -12.75 18.16 -40.25
N ILE A 525 -12.90 18.75 -39.07
CA ILE A 525 -13.89 19.79 -38.85
C ILE A 525 -13.26 21.17 -39.00
N ILE A 526 -11.93 21.22 -39.05
CA ILE A 526 -11.22 22.48 -39.12
C ILE A 526 -10.88 22.84 -40.56
N THR A 527 -10.43 21.85 -41.33
CA THR A 527 -10.01 22.08 -42.71
C THR A 527 -11.21 22.35 -43.62
N PRO A 528 -11.24 23.54 -44.26
CA PRO A 528 -12.31 23.95 -45.16
C PRO A 528 -12.40 23.10 -46.43
N GLY A 529 -13.37 23.39 -47.28
CA GLY A 529 -13.55 22.66 -48.53
C GLY A 529 -14.21 21.31 -48.33
N THR A 530 -14.12 20.47 -49.35
CA THR A 530 -14.69 19.12 -49.28
C THR A 530 -13.91 18.25 -48.31
N PHE A 531 -14.55 17.20 -47.82
CA PHE A 531 -13.91 16.27 -46.91
C PHE A 531 -12.78 15.51 -47.60
N LYS A 532 -12.90 15.39 -48.92
CA LYS A 532 -11.87 14.73 -49.72
C LYS A 532 -10.64 15.61 -49.83
N GLU A 533 -10.85 16.92 -49.90
CA GLU A 533 -9.75 17.87 -49.96
C GLU A 533 -9.08 17.99 -48.60
N ARG A 534 -9.88 17.87 -47.54
CA ARG A 534 -9.36 17.90 -46.18
C ARG A 534 -8.54 16.66 -45.89
N ILE A 535 -9.04 15.51 -46.37
CA ILE A 535 -8.34 14.24 -46.21
C ILE A 535 -7.14 14.19 -47.16
N ILE A 536 -7.15 15.07 -48.15
CA ILE A 536 -6.05 15.19 -49.09
C ILE A 536 -4.94 16.00 -48.45
N LYS A 537 -5.32 17.04 -47.70
CA LYS A 537 -4.37 17.83 -46.94
C LYS A 537 -3.97 17.07 -45.68
N SER A 538 -4.68 15.99 -45.40
CA SER A 538 -4.40 15.15 -44.23
C SER A 538 -3.56 13.95 -44.62
N ILE A 539 -3.58 13.60 -45.90
CA ILE A 539 -2.82 12.48 -46.41
C ILE A 539 -1.47 12.98 -46.92
N THR A 540 -1.48 14.11 -47.61
CA THR A 540 -0.27 14.71 -48.13
C THR A 540 0.51 15.39 -47.01
N PRO A 541 1.82 15.15 -46.95
CA PRO A 541 2.71 15.72 -45.93
C PRO A 541 2.70 17.26 -45.91
N GLU A 542 3.18 17.83 -44.81
CA GLU A 542 3.22 19.28 -44.66
C GLU A 542 4.65 19.75 -44.38
N GLU B 1 -4.75 -15.03 10.70
CA GLU B 1 -6.10 -14.51 10.85
C GLU B 1 -6.78 -15.12 12.05
N VAL B 2 -6.01 -15.34 13.10
CA VAL B 2 -6.64 -15.76 14.35
C VAL B 2 -7.57 -14.68 14.89
N GLN B 3 -8.87 -14.95 14.83
CA GLN B 3 -9.86 -13.98 15.29
C GLN B 3 -10.80 -14.58 16.33
N LEU B 4 -11.06 -13.81 17.38
CA LEU B 4 -11.99 -14.20 18.43
C LEU B 4 -13.11 -13.16 18.52
N GLN B 5 -14.29 -13.51 18.02
CA GLN B 5 -15.42 -12.58 17.99
C GLN B 5 -16.43 -12.89 19.09
N GLN B 6 -16.60 -11.95 20.01
CA GLN B 6 -17.54 -12.12 21.13
C GLN B 6 -18.93 -11.56 20.78
N SER B 7 -19.83 -11.60 21.75
CA SER B 7 -21.18 -11.06 21.56
C SER B 7 -21.21 -9.57 21.88
N GLY B 8 -22.32 -8.93 21.57
CA GLY B 8 -22.48 -7.51 21.82
C GLY B 8 -22.69 -7.16 23.28
N PRO B 9 -22.96 -5.87 23.56
CA PRO B 9 -23.19 -5.39 24.93
C PRO B 9 -24.48 -5.94 25.52
N GLU B 10 -24.53 -6.04 26.85
CA GLU B 10 -25.71 -6.59 27.53
C GLU B 10 -26.13 -5.69 28.69
N LEU B 11 -27.42 -5.34 28.73
CA LEU B 11 -27.98 -4.59 29.84
C LEU B 11 -28.99 -5.45 30.58
N VAL B 12 -28.66 -5.82 31.82
CA VAL B 12 -29.51 -6.73 32.57
C VAL B 12 -29.77 -6.25 33.99
N LYS B 13 -30.95 -6.55 34.50
CA LYS B 13 -31.32 -6.19 35.86
C LYS B 13 -30.62 -7.09 36.86
N PRO B 14 -30.25 -6.53 38.03
CA PRO B 14 -29.59 -7.29 39.10
C PRO B 14 -30.40 -8.50 39.55
N GLY B 15 -29.71 -9.62 39.80
CA GLY B 15 -30.37 -10.84 40.23
C GLY B 15 -30.63 -11.80 39.10
N ALA B 16 -30.56 -11.29 37.87
CA ALA B 16 -30.79 -12.11 36.68
C ALA B 16 -29.50 -12.80 36.26
N SER B 17 -29.52 -13.40 35.07
CA SER B 17 -28.35 -14.11 34.54
C SER B 17 -28.03 -13.59 33.14
N VAL B 18 -26.81 -13.81 32.69
CA VAL B 18 -26.40 -13.38 31.36
C VAL B 18 -25.39 -14.34 30.76
N LYS B 19 -25.54 -14.65 29.47
CA LYS B 19 -24.62 -15.55 28.78
C LYS B 19 -23.86 -14.80 27.67
N ILE B 20 -22.55 -15.00 27.63
CA ILE B 20 -21.71 -14.37 26.62
C ILE B 20 -21.07 -15.44 25.75
N SER B 21 -21.09 -15.21 24.44
CA SER B 21 -20.51 -16.17 23.48
C SER B 21 -19.10 -15.76 23.08
N CYS B 22 -18.45 -16.63 22.29
CA CYS B 22 -17.08 -16.42 21.86
C CYS B 22 -16.77 -17.33 20.67
N LYS B 23 -16.96 -16.82 19.46
CA LYS B 23 -16.69 -17.56 18.24
C LYS B 23 -15.23 -17.45 17.84
N ALA B 24 -14.56 -18.60 17.73
CA ALA B 24 -13.13 -18.63 17.42
C ALA B 24 -12.89 -19.04 15.98
N SER B 25 -11.83 -18.48 15.38
CA SER B 25 -11.45 -18.85 14.03
C SER B 25 -9.97 -18.56 13.78
N GLY B 26 -9.40 -19.20 12.77
CA GLY B 26 -8.03 -18.97 12.39
C GLY B 26 -7.01 -19.89 13.04
N TYR B 27 -7.51 -20.86 13.80
CA TYR B 27 -6.64 -21.83 14.46
C TYR B 27 -7.40 -23.10 14.81
N THR B 28 -6.66 -24.14 15.18
CA THR B 28 -7.27 -25.38 15.61
C THR B 28 -7.92 -25.19 16.98
N PHE B 29 -9.24 -25.13 17.01
CA PHE B 29 -9.99 -24.82 18.21
C PHE B 29 -9.78 -25.83 19.34
N THR B 30 -9.50 -27.07 18.95
CA THR B 30 -9.33 -28.14 19.94
C THR B 30 -7.91 -28.22 20.48
N ASP B 31 -7.07 -27.26 20.10
CA ASP B 31 -5.66 -27.27 20.48
C ASP B 31 -5.37 -26.39 21.69
N TYR B 32 -6.20 -25.38 21.91
CA TYR B 32 -5.91 -24.40 22.95
C TYR B 32 -7.02 -24.22 23.97
N TYR B 33 -6.60 -23.96 25.21
CA TYR B 33 -7.51 -23.57 26.28
C TYR B 33 -8.21 -22.26 25.96
N MET B 34 -9.50 -22.18 26.29
CA MET B 34 -10.26 -20.95 26.15
C MET B 34 -10.49 -20.32 27.52
N ASN B 35 -10.09 -19.06 27.66
CA ASN B 35 -10.14 -18.37 28.95
C ASN B 35 -11.11 -17.18 28.93
N TRP B 36 -11.43 -16.69 30.13
CA TRP B 36 -12.27 -15.52 30.28
C TRP B 36 -11.69 -14.57 31.33
N VAL B 37 -11.41 -13.34 30.92
CA VAL B 37 -10.81 -12.35 31.80
C VAL B 37 -11.77 -11.19 32.06
N LYS B 38 -12.00 -10.89 33.33
CA LYS B 38 -12.85 -9.78 33.72
C LYS B 38 -12.03 -8.53 34.00
N GLN B 39 -12.41 -7.42 33.38
CA GLN B 39 -11.74 -6.14 33.61
C GLN B 39 -12.74 -5.08 34.02
N SER B 40 -12.63 -4.62 35.27
CA SER B 40 -13.50 -3.58 35.79
C SER B 40 -13.06 -2.22 35.27
N HIS B 41 -13.96 -1.24 35.36
CA HIS B 41 -13.68 0.11 34.88
C HIS B 41 -12.58 0.78 35.70
N GLY B 42 -11.42 0.96 35.07
CA GLY B 42 -10.29 1.61 35.71
C GLY B 42 -9.48 0.67 36.58
N LYS B 43 -9.87 -0.60 36.60
CA LYS B 43 -9.17 -1.59 37.39
C LYS B 43 -8.29 -2.49 36.52
N SER B 44 -7.73 -3.52 37.13
CA SER B 44 -6.82 -4.41 36.44
C SER B 44 -7.55 -5.65 35.90
N LEU B 45 -6.81 -6.49 35.19
CA LEU B 45 -7.35 -7.72 34.62
C LEU B 45 -7.52 -8.77 35.72
N GLU B 46 -8.50 -9.65 35.53
CA GLU B 46 -8.81 -10.65 36.55
C GLU B 46 -9.27 -11.97 35.92
N TRP B 47 -8.39 -12.96 35.95
CA TRP B 47 -8.65 -14.26 35.32
C TRP B 47 -9.78 -15.01 36.02
N ILE B 48 -10.83 -15.31 35.26
CA ILE B 48 -12.00 -16.00 35.81
C ILE B 48 -11.77 -17.51 35.81
N GLY B 49 -11.45 -18.07 34.65
CA GLY B 49 -11.23 -19.49 34.53
C GLY B 49 -11.12 -19.95 33.09
N ASN B 50 -10.65 -21.18 32.89
CA ASN B 50 -10.49 -21.71 31.54
C ASN B 50 -11.37 -22.94 31.32
N ILE B 51 -11.34 -23.47 30.11
CA ILE B 51 -12.12 -24.66 29.78
C ILE B 51 -11.44 -25.41 28.64
N ASN B 52 -11.35 -26.72 28.79
CA ASN B 52 -10.81 -27.59 27.76
C ASN B 52 -11.91 -27.93 26.76
N PRO B 53 -11.75 -27.48 25.51
CA PRO B 53 -12.74 -27.69 24.44
C PRO B 53 -12.93 -29.16 24.07
N ASN B 54 -11.94 -29.99 24.37
CA ASN B 54 -11.98 -31.40 23.99
C ASN B 54 -13.03 -32.17 24.78
N ASN B 55 -13.16 -31.84 26.06
CA ASN B 55 -14.09 -32.55 26.94
C ASN B 55 -14.86 -31.58 27.84
N GLY B 56 -14.57 -30.29 27.68
CA GLY B 56 -15.18 -29.28 28.53
C GLY B 56 -14.52 -29.20 29.89
N GLY B 57 -13.21 -29.40 29.91
CA GLY B 57 -12.46 -29.45 31.16
C GLY B 57 -12.26 -28.10 31.82
N THR B 58 -13.22 -27.70 32.64
CA THR B 58 -13.21 -26.37 33.24
C THR B 58 -12.23 -26.25 34.40
N SER B 59 -11.74 -25.02 34.60
CA SER B 59 -10.90 -24.69 35.74
C SER B 59 -11.17 -23.24 36.15
N TYR B 60 -12.00 -23.08 37.17
CA TYR B 60 -12.40 -21.74 37.61
C TYR B 60 -11.47 -21.18 38.69
N ASN B 61 -11.64 -19.90 38.97
CA ASN B 61 -10.91 -19.25 40.07
C ASN B 61 -11.74 -19.34 41.34
N GLN B 62 -11.05 -19.39 42.48
CA GLN B 62 -11.71 -19.49 43.78
C GLN B 62 -12.61 -18.28 44.04
N LYS B 63 -12.23 -17.14 43.45
CA LYS B 63 -13.00 -15.91 43.60
C LYS B 63 -14.25 -15.95 42.73
N PHE B 64 -14.26 -16.82 41.73
CA PHE B 64 -15.39 -16.91 40.80
C PHE B 64 -16.11 -18.26 40.90
N LYS B 65 -15.76 -19.05 41.90
CA LYS B 65 -16.41 -20.35 42.11
C LYS B 65 -17.87 -20.15 42.46
N GLY B 66 -18.76 -20.64 41.61
CA GLY B 66 -20.19 -20.47 41.81
C GLY B 66 -20.71 -19.18 41.23
N LYS B 67 -19.81 -18.40 40.64
CA LYS B 67 -20.17 -17.11 40.05
C LYS B 67 -20.28 -17.23 38.53
N ALA B 68 -19.33 -17.91 37.91
CA ALA B 68 -19.30 -18.07 36.47
C ALA B 68 -19.37 -19.53 36.05
N THR B 69 -20.04 -19.80 34.94
CA THR B 69 -20.11 -21.16 34.40
C THR B 69 -19.69 -21.18 32.93
N LEU B 70 -18.63 -21.92 32.64
CA LEU B 70 -18.08 -21.99 31.29
C LEU B 70 -18.56 -23.22 30.53
N THR B 71 -18.99 -23.03 29.28
CA THR B 71 -19.36 -24.13 28.42
C THR B 71 -18.67 -23.97 27.06
N VAL B 72 -18.76 -25.00 26.23
CA VAL B 72 -18.08 -24.98 24.93
C VAL B 72 -18.83 -25.85 23.92
N ASP B 73 -18.77 -25.44 22.65
CA ASP B 73 -19.38 -26.19 21.56
C ASP B 73 -18.36 -26.40 20.44
N LYS B 74 -18.04 -27.66 20.17
CA LYS B 74 -17.05 -28.00 19.15
C LYS B 74 -17.66 -27.97 17.75
N SER B 75 -18.98 -28.10 17.67
CA SER B 75 -19.68 -28.13 16.39
C SER B 75 -19.56 -26.79 15.66
N SER B 76 -19.46 -25.72 16.43
CA SER B 76 -19.34 -24.38 15.86
C SER B 76 -18.12 -23.64 16.41
N THR B 77 -17.30 -24.36 17.18
CA THR B 77 -16.10 -23.80 17.79
C THR B 77 -16.40 -22.50 18.54
N THR B 78 -17.30 -22.58 19.53
CA THR B 78 -17.75 -21.40 20.24
C THR B 78 -17.82 -21.63 21.75
N ALA B 79 -17.24 -20.72 22.52
CA ALA B 79 -17.25 -20.83 23.98
C ALA B 79 -18.32 -19.94 24.60
N TYR B 80 -18.79 -20.29 25.79
CA TYR B 80 -19.82 -19.51 26.45
C TYR B 80 -19.52 -19.34 27.95
N MET B 81 -19.93 -18.21 28.50
CA MET B 81 -19.82 -17.95 29.93
C MET B 81 -21.12 -17.40 30.49
N GLU B 82 -21.66 -18.05 31.51
CA GLU B 82 -22.90 -17.60 32.13
C GLU B 82 -22.66 -17.06 33.53
N LEU B 83 -23.30 -15.93 33.84
CA LEU B 83 -23.20 -15.28 35.13
C LEU B 83 -24.57 -15.16 35.78
N ARG B 84 -24.70 -15.68 37.00
CA ARG B 84 -25.94 -15.59 37.76
C ARG B 84 -25.74 -14.70 38.98
N SER B 85 -26.85 -14.27 39.59
CA SER B 85 -26.82 -13.39 40.75
C SER B 85 -26.00 -12.13 40.45
N LEU B 86 -26.45 -11.37 39.45
CA LEU B 86 -25.71 -10.21 38.98
C LEU B 86 -25.85 -9.01 39.91
N THR B 87 -24.72 -8.36 40.19
CA THR B 87 -24.71 -7.16 41.03
C THR B 87 -24.01 -6.02 40.31
N SER B 88 -23.80 -4.91 41.02
CA SER B 88 -23.16 -3.74 40.44
C SER B 88 -21.68 -3.99 40.14
N GLU B 89 -21.07 -4.90 40.91
CA GLU B 89 -19.66 -5.21 40.74
C GLU B 89 -19.41 -5.99 39.44
N ASP B 90 -20.44 -6.67 38.96
CA ASP B 90 -20.33 -7.46 37.75
C ASP B 90 -20.36 -6.60 36.50
N SER B 91 -20.76 -5.33 36.67
CA SER B 91 -20.77 -4.38 35.56
C SER B 91 -19.35 -4.06 35.12
N ALA B 92 -18.83 -4.83 34.18
CA ALA B 92 -17.46 -4.65 33.71
C ALA B 92 -17.30 -5.19 32.29
N VAL B 93 -16.08 -5.07 31.76
CA VAL B 93 -15.78 -5.54 30.41
C VAL B 93 -15.16 -6.92 30.44
N TYR B 94 -15.79 -7.88 29.77
CA TYR B 94 -15.32 -9.26 29.79
C TYR B 94 -14.69 -9.67 28.45
N TYR B 95 -13.55 -10.36 28.53
CA TYR B 95 -12.87 -10.85 27.35
C TYR B 95 -12.79 -12.37 27.36
N CYS B 96 -12.72 -12.97 26.18
CA CYS B 96 -12.41 -14.39 26.06
C CYS B 96 -11.11 -14.52 25.27
N THR B 97 -10.12 -15.18 25.87
CA THR B 97 -8.79 -15.21 25.26
C THR B 97 -8.21 -16.62 25.15
N ARG B 98 -7.57 -16.88 24.02
CA ARG B 98 -6.92 -18.16 23.74
C ARG B 98 -5.65 -18.31 24.56
N SER B 99 -5.33 -19.53 24.96
CA SER B 99 -4.08 -19.78 25.69
C SER B 99 -3.62 -21.23 25.60
N PRO B 100 -2.32 -21.44 25.38
CA PRO B 100 -1.77 -22.81 25.38
C PRO B 100 -1.67 -23.36 26.80
N VAL B 101 -1.17 -24.58 26.93
CA VAL B 101 -1.01 -25.17 28.25
C VAL B 101 0.29 -24.67 28.88
N ARG B 102 1.34 -24.56 28.06
CA ARG B 102 2.63 -24.10 28.54
C ARG B 102 3.49 -23.56 27.40
N PRO B 103 4.02 -22.34 27.56
CA PRO B 103 3.79 -21.46 28.71
C PRO B 103 2.43 -20.78 28.63
N TYR B 104 1.77 -20.64 29.77
CA TYR B 104 0.38 -20.19 29.82
C TYR B 104 0.24 -18.69 29.61
N TYR B 105 0.39 -18.24 28.37
CA TYR B 105 0.19 -16.85 28.03
C TYR B 105 -1.11 -16.68 27.24
N PHE B 106 -1.63 -15.46 27.21
CA PHE B 106 -2.84 -15.16 26.45
C PHE B 106 -2.49 -14.50 25.12
N ASP B 107 -2.29 -15.33 24.10
CA ASP B 107 -1.79 -14.85 22.81
C ASP B 107 -2.81 -14.01 22.04
N TYR B 108 -4.05 -14.46 22.01
CA TYR B 108 -5.09 -13.75 21.27
C TYR B 108 -6.31 -13.48 22.13
N TRP B 109 -6.82 -12.25 22.07
CA TRP B 109 -7.97 -11.84 22.86
C TRP B 109 -9.18 -11.54 21.99
N GLY B 110 -10.36 -11.51 22.60
CA GLY B 110 -11.55 -11.06 21.91
C GLY B 110 -11.68 -9.55 22.02
N GLN B 111 -12.64 -8.98 21.29
CA GLN B 111 -12.81 -7.53 21.27
C GLN B 111 -13.42 -7.03 22.58
N GLY B 112 -14.00 -7.94 23.35
CA GLY B 112 -14.58 -7.59 24.63
C GLY B 112 -16.10 -7.51 24.64
N THR B 113 -16.67 -7.55 25.84
CA THR B 113 -18.13 -7.48 25.98
C THR B 113 -18.51 -6.59 27.15
N THR B 114 -19.14 -5.46 26.86
CA THR B 114 -19.53 -4.50 27.89
C THR B 114 -20.81 -4.95 28.60
N LEU B 115 -20.68 -5.31 29.87
CA LEU B 115 -21.84 -5.73 30.66
C LEU B 115 -22.28 -4.63 31.61
N THR B 116 -23.58 -4.32 31.58
CA THR B 116 -24.14 -3.34 32.49
C THR B 116 -25.27 -3.95 33.29
N VAL B 117 -25.07 -4.03 34.60
CA VAL B 117 -26.08 -4.58 35.50
C VAL B 117 -26.77 -3.46 36.23
N SER B 118 -27.96 -3.09 35.76
CA SER B 118 -28.73 -2.03 36.38
C SER B 118 -30.21 -2.17 36.03
N SER B 119 -31.07 -1.64 36.90
CA SER B 119 -32.51 -1.70 36.69
C SER B 119 -33.00 -0.47 35.94
N ALA B 120 -32.07 0.38 35.53
CA ALA B 120 -32.42 1.61 34.82
C ALA B 120 -32.97 1.30 33.43
N LYS B 121 -33.98 2.08 33.03
CA LYS B 121 -34.64 1.89 31.75
C LYS B 121 -33.73 2.27 30.59
N THR B 122 -33.79 1.48 29.52
CA THR B 122 -33.01 1.76 28.31
C THR B 122 -33.49 3.05 27.66
N THR B 123 -32.71 4.11 27.82
CA THR B 123 -33.09 5.42 27.31
C THR B 123 -32.41 5.72 25.96
N PRO B 124 -33.22 6.07 24.95
CA PRO B 124 -32.69 6.45 23.64
C PRO B 124 -31.97 7.80 23.69
N PRO B 125 -30.83 7.90 23.00
CA PRO B 125 -30.00 9.12 22.99
C PRO B 125 -30.60 10.26 22.19
N SER B 126 -30.45 11.48 22.69
CA SER B 126 -30.89 12.67 21.97
C SER B 126 -29.73 13.28 21.19
N VAL B 127 -29.85 13.27 19.87
CA VAL B 127 -28.77 13.73 19.00
C VAL B 127 -29.03 15.16 18.53
N TYR B 128 -28.19 16.08 18.98
CA TYR B 128 -28.30 17.48 18.58
C TYR B 128 -27.02 17.93 17.88
N PRO B 129 -27.16 18.49 16.67
CA PRO B 129 -26.00 18.94 15.88
C PRO B 129 -25.31 20.15 16.50
N LEU B 130 -23.99 20.21 16.36
CA LEU B 130 -23.22 21.35 16.87
C LEU B 130 -22.49 22.07 15.74
N ALA B 131 -23.20 22.98 15.08
CA ALA B 131 -22.64 23.72 13.96
C ALA B 131 -22.07 25.05 14.40
N PRO B 132 -20.90 25.42 13.85
CA PRO B 132 -20.28 26.72 14.12
C PRO B 132 -21.18 27.87 13.70
N GLY B 133 -21.12 28.99 14.41
CA GLY B 133 -21.92 30.15 14.10
C GLY B 133 -21.58 30.75 12.76
N CYS B 134 -22.50 31.56 12.23
CA CYS B 134 -22.31 32.22 10.95
C CYS B 134 -21.47 33.49 11.11
N GLY B 135 -21.10 33.80 12.35
CA GLY B 135 -20.29 34.96 12.63
C GLY B 135 -18.86 34.62 13.00
N ASP B 136 -18.55 33.32 13.00
CA ASP B 136 -17.21 32.85 13.34
C ASP B 136 -16.23 33.15 12.20
N THR B 137 -14.94 33.13 12.52
CA THR B 137 -13.90 33.41 11.54
C THR B 137 -13.39 32.12 10.89
N THR B 138 -13.69 31.95 9.61
CA THR B 138 -13.26 30.76 8.89
C THR B 138 -11.77 30.82 8.59
N GLY B 139 -10.98 30.08 9.34
CA GLY B 139 -9.54 30.05 9.15
C GLY B 139 -9.08 28.95 8.23
N SER B 140 -7.92 28.37 8.54
CA SER B 140 -7.36 27.29 7.74
C SER B 140 -8.12 25.99 8.00
N SER B 141 -8.83 25.94 9.12
CA SER B 141 -9.58 24.74 9.50
C SER B 141 -10.80 25.10 10.34
N VAL B 142 -11.92 24.45 10.03
CA VAL B 142 -13.14 24.60 10.80
C VAL B 142 -13.36 23.34 11.65
N THR B 143 -13.84 23.54 12.87
CA THR B 143 -14.12 22.43 13.77
C THR B 143 -15.62 22.19 13.90
N LEU B 144 -16.07 21.02 13.46
CA LEU B 144 -17.47 20.65 13.55
C LEU B 144 -17.65 19.70 14.73
N GLY B 145 -18.88 19.27 14.97
CA GLY B 145 -19.16 18.36 16.07
C GLY B 145 -20.62 18.05 16.30
N CYS B 146 -20.87 16.96 17.03
CA CYS B 146 -22.24 16.55 17.35
C CYS B 146 -22.38 16.21 18.83
N LEU B 147 -23.59 16.39 19.36
CA LEU B 147 -23.84 16.24 20.79
C LEU B 147 -24.86 15.14 21.08
N VAL B 148 -24.57 14.31 22.07
CA VAL B 148 -25.46 13.23 22.47
C VAL B 148 -25.84 13.39 23.93
N LYS B 149 -27.14 13.51 24.20
CA LYS B 149 -27.60 13.75 25.56
C LYS B 149 -28.68 12.77 26.00
N GLY B 150 -28.51 12.20 27.19
CA GLY B 150 -29.52 11.36 27.80
C GLY B 150 -29.71 9.99 27.18
N TYR B 151 -28.94 9.03 27.66
CA TYR B 151 -29.06 7.64 27.18
C TYR B 151 -28.48 6.68 28.21
N PHE B 152 -28.89 5.41 28.10
CA PHE B 152 -28.43 4.39 29.04
C PHE B 152 -28.49 3.01 28.39
N PRO B 153 -27.46 2.18 28.61
CA PRO B 153 -26.25 2.50 29.38
C PRO B 153 -25.13 3.06 28.50
N GLU B 154 -23.89 2.92 28.95
CA GLU B 154 -22.75 3.38 28.16
C GLU B 154 -22.53 2.46 26.95
N SER B 155 -23.39 2.63 25.96
CA SER B 155 -23.28 1.87 24.72
C SER B 155 -23.71 2.75 23.55
N VAL B 156 -22.76 3.48 22.98
CA VAL B 156 -23.06 4.42 21.91
C VAL B 156 -21.84 4.53 20.98
N THR B 157 -22.10 4.79 19.70
CA THR B 157 -21.03 4.89 18.71
C THR B 157 -21.29 6.02 17.73
N VAL B 158 -20.39 7.00 17.71
CA VAL B 158 -20.54 8.15 16.82
C VAL B 158 -19.51 8.11 15.70
N THR B 159 -19.97 7.83 14.48
CA THR B 159 -19.09 7.78 13.32
C THR B 159 -19.27 9.02 12.45
N TRP B 160 -18.34 9.24 11.53
CA TRP B 160 -18.38 10.40 10.64
C TRP B 160 -18.22 9.99 9.17
N ASN B 161 -19.31 10.07 8.43
CA ASN B 161 -19.33 9.78 6.99
C ASN B 161 -18.79 8.38 6.69
N SER B 162 -19.34 7.38 7.38
CA SER B 162 -18.95 5.97 7.19
C SER B 162 -17.46 5.75 7.41
N GLY B 163 -16.88 6.47 8.37
CA GLY B 163 -15.48 6.31 8.73
C GLY B 163 -14.50 6.86 7.69
N SER B 164 -14.89 7.94 7.02
CA SER B 164 -14.02 8.56 6.04
C SER B 164 -14.42 10.02 5.79
N LEU B 165 -13.58 10.95 6.22
CA LEU B 165 -12.33 10.63 6.90
C LEU B 165 -12.39 11.00 8.37
N SER B 166 -11.51 10.40 9.17
CA SER B 166 -11.48 10.66 10.61
C SER B 166 -10.05 10.73 11.13
N SER B 167 -9.25 11.60 10.53
CA SER B 167 -7.84 11.75 10.91
C SER B 167 -7.66 12.91 11.88
N SER B 168 -8.76 13.49 12.33
CA SER B 168 -8.70 14.64 13.25
C SER B 168 -9.91 14.68 14.16
N VAL B 169 -10.57 13.54 14.33
CA VAL B 169 -11.78 13.47 15.14
C VAL B 169 -11.44 13.30 16.62
N HIS B 170 -11.99 14.17 17.45
CA HIS B 170 -11.82 14.09 18.89
C HIS B 170 -13.13 13.66 19.55
N THR B 171 -13.12 12.53 20.25
CA THR B 171 -14.31 12.03 20.92
C THR B 171 -14.20 12.20 22.44
N PHE B 172 -15.20 12.82 23.05
CA PHE B 172 -15.15 13.09 24.48
C PHE B 172 -15.88 12.02 25.29
N PRO B 173 -15.26 11.57 26.40
CA PRO B 173 -15.82 10.54 27.27
C PRO B 173 -17.20 10.91 27.80
N ALA B 174 -18.08 9.91 27.93
CA ALA B 174 -19.43 10.15 28.42
C ALA B 174 -19.42 10.47 29.91
N LEU B 175 -20.36 11.32 30.32
CA LEU B 175 -20.50 11.67 31.73
C LEU B 175 -21.87 11.23 32.25
N LEU B 176 -21.87 10.56 33.39
CA LEU B 176 -23.12 10.04 33.97
C LEU B 176 -23.74 11.03 34.94
N GLN B 177 -25.05 11.25 34.79
CA GLN B 177 -25.78 12.16 35.66
C GLN B 177 -27.27 11.81 35.64
N SER B 178 -27.87 11.75 36.84
CA SER B 178 -29.27 11.42 37.00
C SER B 178 -29.66 10.11 36.31
N GLY B 179 -28.71 9.16 36.28
CA GLY B 179 -28.96 7.86 35.69
C GLY B 179 -28.84 7.83 34.17
N LEU B 180 -28.47 8.95 33.58
CA LEU B 180 -28.35 9.05 32.12
C LEU B 180 -26.98 9.58 31.71
N TYR B 181 -26.45 9.05 30.62
CA TYR B 181 -25.13 9.48 30.13
C TYR B 181 -25.25 10.65 29.15
N THR B 182 -24.15 11.38 28.99
CA THR B 182 -24.10 12.51 28.06
C THR B 182 -22.68 12.71 27.54
N MET B 183 -22.54 12.70 26.22
CA MET B 183 -21.23 12.84 25.59
C MET B 183 -21.26 13.74 24.36
N SER B 184 -20.08 13.99 23.79
CA SER B 184 -19.96 14.86 22.63
C SER B 184 -18.76 14.49 21.75
N SER B 185 -18.83 14.90 20.49
CA SER B 185 -17.76 14.62 19.53
C SER B 185 -17.47 15.81 18.63
N SER B 186 -16.24 15.88 18.13
CA SER B 186 -15.80 16.97 17.27
C SER B 186 -14.89 16.45 16.16
N VAL B 187 -14.71 17.27 15.12
CA VAL B 187 -13.86 16.89 13.99
C VAL B 187 -13.28 18.14 13.32
N THR B 188 -11.97 18.15 13.14
CA THR B 188 -11.31 19.30 12.52
C THR B 188 -11.08 19.08 11.04
N VAL B 189 -11.92 19.71 10.22
CA VAL B 189 -11.81 19.57 8.77
C VAL B 189 -11.42 20.90 8.14
N PRO B 190 -10.63 20.86 7.05
CA PRO B 190 -10.21 22.10 6.39
C PRO B 190 -11.38 22.92 5.85
N SER B 191 -11.11 24.17 5.46
CA SER B 191 -12.16 25.05 4.97
C SER B 191 -12.42 24.84 3.48
N SER B 192 -11.75 23.84 2.90
CA SER B 192 -11.91 23.54 1.49
C SER B 192 -12.80 22.32 1.28
N THR B 193 -13.50 21.92 2.32
CA THR B 193 -14.39 20.77 2.25
C THR B 193 -15.71 21.04 2.99
N TRP B 194 -15.87 22.26 3.48
CA TRP B 194 -17.07 22.65 4.21
C TRP B 194 -17.44 24.10 3.93
N PRO B 195 -18.73 24.36 3.69
CA PRO B 195 -19.81 23.36 3.65
C PRO B 195 -20.07 22.82 2.25
N SER B 196 -19.03 22.72 1.44
CA SER B 196 -19.16 22.28 0.05
C SER B 196 -19.72 20.86 -0.05
N GLN B 197 -18.99 19.89 0.51
CA GLN B 197 -19.42 18.50 0.45
C GLN B 197 -20.41 18.18 1.57
N THR B 198 -20.73 16.89 1.71
CA THR B 198 -21.69 16.44 2.71
C THR B 198 -21.00 15.81 3.92
N VAL B 199 -21.14 16.44 5.07
CA VAL B 199 -20.58 15.91 6.31
C VAL B 199 -21.71 15.60 7.28
N THR B 200 -21.90 14.32 7.57
CA THR B 200 -23.01 13.88 8.43
C THR B 200 -22.50 12.97 9.54
N CYS B 201 -22.87 13.29 10.78
CA CYS B 201 -22.49 12.47 11.92
C CYS B 201 -23.55 11.41 12.21
N SER B 202 -23.10 10.19 12.46
CA SER B 202 -23.99 9.08 12.76
C SER B 202 -23.89 8.66 14.22
N VAL B 203 -25.02 8.58 14.90
CA VAL B 203 -25.05 8.17 16.29
C VAL B 203 -25.84 6.88 16.45
N ALA B 204 -25.16 5.82 16.85
CA ALA B 204 -25.79 4.51 17.02
C ALA B 204 -25.87 4.13 18.49
N HIS B 205 -26.99 3.54 18.87
CA HIS B 205 -27.22 3.07 20.23
C HIS B 205 -27.66 1.62 20.18
N PRO B 206 -26.71 0.69 20.32
CA PRO B 206 -26.95 -0.75 20.24
C PRO B 206 -27.85 -1.28 21.35
N ALA B 207 -27.83 -0.63 22.50
CA ALA B 207 -28.66 -1.03 23.63
C ALA B 207 -30.13 -0.82 23.32
N SER B 208 -30.44 0.31 22.69
CA SER B 208 -31.81 0.62 22.30
C SER B 208 -32.03 0.33 20.81
N SER B 209 -30.96 -0.07 20.14
CA SER B 209 -30.98 -0.36 18.70
C SER B 209 -31.51 0.82 17.89
N THR B 210 -31.04 2.02 18.22
CA THR B 210 -31.51 3.23 17.55
C THR B 210 -30.37 3.99 16.89
N THR B 211 -30.47 4.20 15.58
CA THR B 211 -29.43 4.91 14.84
C THR B 211 -29.96 6.20 14.24
N VAL B 212 -29.54 7.33 14.81
CA VAL B 212 -29.95 8.65 14.33
C VAL B 212 -28.79 9.34 13.65
N ASP B 213 -29.01 9.81 12.43
CA ASP B 213 -27.97 10.51 11.66
C ASP B 213 -28.34 11.97 11.48
N LYS B 214 -27.39 12.86 11.77
CA LYS B 214 -27.64 14.29 11.63
C LYS B 214 -26.55 14.97 10.80
N LYS B 215 -26.98 15.79 9.84
CA LYS B 215 -26.05 16.53 8.99
C LYS B 215 -25.85 17.94 9.53
N LEU B 216 -24.61 18.42 9.45
CA LEU B 216 -24.28 19.74 9.96
C LEU B 216 -24.73 20.84 9.00
N GLU B 217 -25.35 21.88 9.53
CA GLU B 217 -25.81 23.01 8.71
C GLU B 217 -25.45 24.34 9.38
N PRO B 218 -24.69 25.18 8.67
CA PRO B 218 -24.28 26.49 9.18
C PRO B 218 -25.44 27.48 9.28
N ASP C 1 -2.46 -17.54 46.98
CA ASP C 1 -2.45 -16.93 45.66
C ASP C 1 -1.24 -16.01 45.49
N ILE C 2 -1.13 -15.39 44.32
CA ILE C 2 0.04 -14.57 43.99
C ILE C 2 -0.37 -13.12 43.77
N VAL C 3 0.41 -12.20 44.32
CA VAL C 3 0.13 -10.78 44.18
C VAL C 3 1.19 -10.11 43.32
N MET C 4 0.82 -9.76 42.10
CA MET C 4 1.70 -9.03 41.20
C MET C 4 1.54 -7.53 41.44
N THR C 5 2.54 -6.91 42.05
CA THR C 5 2.44 -5.53 42.48
C THR C 5 3.22 -4.56 41.59
N GLN C 6 2.49 -3.65 40.95
CA GLN C 6 3.12 -2.57 40.19
C GLN C 6 3.04 -1.27 40.98
N SER C 7 4.17 -0.88 41.58
CA SER C 7 4.21 0.30 42.44
C SER C 7 3.86 1.58 41.70
N HIS C 8 4.43 1.75 40.51
CA HIS C 8 4.18 2.95 39.71
C HIS C 8 2.93 2.78 38.85
N LYS C 9 1.85 3.43 39.27
CA LYS C 9 0.59 3.40 38.52
C LYS C 9 0.71 4.24 37.25
N PHE C 10 1.54 5.28 37.31
CA PHE C 10 1.75 6.16 36.17
C PHE C 10 3.24 6.45 35.97
N MET C 11 3.67 6.51 34.71
CA MET C 11 5.05 6.86 34.40
C MET C 11 5.11 7.82 33.21
N SER C 12 5.96 8.83 33.31
CA SER C 12 6.11 9.82 32.26
C SER C 12 7.38 9.61 31.46
N THR C 13 7.27 9.77 30.14
CA THR C 13 8.42 9.64 29.25
C THR C 13 8.22 10.48 28.00
N SER C 14 9.28 10.64 27.22
CA SER C 14 9.20 11.43 26.00
C SER C 14 9.44 10.56 24.77
N VAL C 15 9.09 11.10 23.60
CA VAL C 15 9.26 10.38 22.34
C VAL C 15 10.74 10.23 22.01
N GLY C 16 11.24 9.00 22.07
CA GLY C 16 12.63 8.73 21.79
C GLY C 16 13.43 8.37 23.02
N ASP C 17 12.84 8.58 24.19
CA ASP C 17 13.49 8.27 25.45
C ASP C 17 13.40 6.79 25.78
N ARG C 18 14.19 6.33 26.73
CA ARG C 18 14.20 4.94 27.17
C ARG C 18 13.33 4.77 28.40
N VAL C 19 12.29 3.96 28.31
CA VAL C 19 11.37 3.81 29.44
C VAL C 19 11.34 2.35 29.91
N SER C 20 11.29 2.16 31.23
CA SER C 20 11.29 0.82 31.80
C SER C 20 10.26 0.70 32.92
N ILE C 21 9.43 -0.34 32.84
CA ILE C 21 8.41 -0.58 33.86
C ILE C 21 8.81 -1.77 34.73
N THR C 22 8.67 -1.62 36.04
CA THR C 22 9.02 -2.67 36.99
C THR C 22 7.79 -3.46 37.43
N CYS C 23 8.01 -4.73 37.75
CA CYS C 23 6.95 -5.62 38.23
C CYS C 23 7.46 -6.44 39.40
N LYS C 24 6.76 -6.34 40.53
CA LYS C 24 7.13 -7.06 41.75
C LYS C 24 6.13 -8.17 42.05
N ALA C 25 6.65 -9.37 42.29
CA ALA C 25 5.80 -10.51 42.58
C ALA C 25 5.85 -10.88 44.06
N SER C 26 4.96 -11.78 44.47
CA SER C 26 4.90 -12.21 45.87
C SER C 26 6.07 -13.12 46.21
N GLN C 27 6.14 -14.28 45.54
CA GLN C 27 7.22 -15.22 45.76
C GLN C 27 8.15 -15.27 44.54
N ASP C 28 9.15 -16.13 44.59
CA ASP C 28 10.08 -16.29 43.48
C ASP C 28 9.36 -16.91 42.29
N VAL C 29 9.60 -16.37 41.10
CA VAL C 29 8.84 -16.74 39.91
C VAL C 29 9.74 -17.37 38.85
N SER C 30 11.05 -17.29 39.08
CA SER C 30 12.06 -17.69 38.10
C SER C 30 11.93 -16.82 36.85
N THR C 31 11.41 -17.40 35.77
CA THR C 31 11.25 -16.66 34.52
C THR C 31 9.86 -16.85 33.93
N ALA C 32 8.83 -16.67 34.74
CA ALA C 32 7.45 -16.85 34.29
C ALA C 32 6.65 -15.56 34.37
N VAL C 33 7.03 -14.59 33.55
CA VAL C 33 6.35 -13.30 33.52
C VAL C 33 6.00 -12.89 32.10
N ALA C 34 4.77 -12.46 31.89
CA ALA C 34 4.31 -12.02 30.58
C ALA C 34 3.90 -10.56 30.60
N TRP C 35 4.24 -9.85 29.53
CA TRP C 35 3.91 -8.43 29.39
C TRP C 35 2.91 -8.17 28.26
N TYR C 36 1.80 -7.54 28.64
CA TYR C 36 0.70 -7.22 27.73
C TYR C 36 0.54 -5.72 27.53
N GLN C 37 0.13 -5.34 26.33
CA GLN C 37 -0.13 -3.93 26.01
C GLN C 37 -1.60 -3.71 25.69
N GLN C 38 -2.24 -2.77 26.40
CA GLN C 38 -3.64 -2.46 26.16
C GLN C 38 -3.83 -0.99 25.81
N LYS C 39 -4.07 -0.72 24.52
CA LYS C 39 -4.35 0.63 24.07
C LYS C 39 -5.79 1.02 24.45
N PRO C 40 -6.00 2.30 24.77
CA PRO C 40 -7.31 2.82 25.17
C PRO C 40 -8.40 2.52 24.15
N GLY C 41 -9.32 1.63 24.51
CA GLY C 41 -10.42 1.27 23.64
C GLY C 41 -10.22 -0.05 22.91
N GLN C 42 -9.10 -0.70 23.18
CA GLN C 42 -8.79 -1.98 22.54
C GLN C 42 -8.56 -3.08 23.56
N SER C 43 -8.49 -4.31 23.08
CA SER C 43 -8.19 -5.46 23.92
C SER C 43 -6.70 -5.56 24.17
N PRO C 44 -6.30 -6.16 25.31
CA PRO C 44 -4.88 -6.36 25.62
C PRO C 44 -4.14 -7.13 24.52
N LYS C 45 -2.87 -6.80 24.31
CA LYS C 45 -2.06 -7.48 23.31
C LYS C 45 -0.77 -8.01 23.93
N LEU C 46 -0.53 -9.31 23.75
CA LEU C 46 0.68 -9.92 24.30
C LEU C 46 1.92 -9.41 23.60
N LEU C 47 2.90 -8.96 24.39
CA LEU C 47 4.16 -8.49 23.83
C LEU C 47 5.30 -9.40 24.25
N ILE C 48 5.44 -9.65 25.55
CA ILE C 48 6.54 -10.46 26.04
C ILE C 48 6.00 -11.70 26.77
N TYR C 49 6.71 -12.82 26.64
CA TYR C 49 6.36 -14.02 27.40
C TYR C 49 7.63 -14.68 27.91
N SER C 50 7.53 -15.28 29.09
CA SER C 50 8.67 -15.92 29.76
C SER C 50 9.83 -14.93 29.93
N ALA C 51 9.59 -13.89 30.71
CA ALA C 51 10.61 -12.90 31.08
C ALA C 51 11.18 -12.12 29.89
N SER C 52 11.89 -12.81 28.99
CA SER C 52 12.65 -12.12 27.96
C SER C 52 12.16 -12.38 26.53
N TYR C 53 11.56 -13.54 26.30
CA TYR C 53 11.16 -13.93 24.96
C TYR C 53 10.04 -13.05 24.39
N ARG C 54 10.20 -12.65 23.14
CA ARG C 54 9.18 -11.87 22.45
C ARG C 54 8.21 -12.77 21.71
N TYR C 55 6.96 -12.32 21.59
CA TYR C 55 5.95 -13.08 20.86
C TYR C 55 5.99 -12.70 19.38
N THR C 56 5.42 -13.54 18.53
CA THR C 56 5.41 -13.29 17.09
C THR C 56 4.55 -12.08 16.75
N GLY C 57 5.07 -11.21 15.89
CA GLY C 57 4.38 -10.00 15.51
C GLY C 57 4.60 -8.86 16.48
N VAL C 58 5.76 -8.85 17.12
CA VAL C 58 6.12 -7.80 18.07
C VAL C 58 7.42 -7.13 17.63
N PRO C 59 7.41 -5.79 17.55
CA PRO C 59 8.58 -4.99 17.15
C PRO C 59 9.81 -5.24 18.02
N ASP C 60 10.98 -4.90 17.51
CA ASP C 60 12.23 -5.16 18.21
C ASP C 60 12.46 -4.16 19.35
N ARG C 61 11.69 -3.08 19.36
CA ARG C 61 11.87 -2.03 20.35
C ARG C 61 11.36 -2.45 21.73
N PHE C 62 10.52 -3.48 21.76
CA PHE C 62 10.01 -4.01 23.02
C PHE C 62 10.87 -5.15 23.53
N THR C 63 11.45 -4.98 24.72
CA THR C 63 12.27 -6.03 25.31
C THR C 63 11.74 -6.44 26.68
N GLY C 64 12.33 -7.49 27.23
CA GLY C 64 11.95 -7.98 28.55
C GLY C 64 13.13 -8.57 29.29
N SER C 65 13.18 -8.35 30.60
CA SER C 65 14.27 -8.86 31.42
C SER C 65 13.83 -9.15 32.85
N GLY C 66 14.65 -9.88 33.58
CA GLY C 66 14.36 -10.21 34.96
C GLY C 66 14.32 -11.71 35.22
N SER C 67 14.68 -12.10 36.45
CA SER C 67 14.69 -13.50 36.82
C SER C 67 14.58 -13.67 38.34
N GLY C 68 13.37 -13.89 38.82
CA GLY C 68 13.13 -14.06 40.24
C GLY C 68 11.82 -13.46 40.72
N THR C 69 11.91 -12.26 41.29
CA THR C 69 10.73 -11.57 41.81
C THR C 69 10.54 -10.20 41.15
N ASP C 70 11.65 -9.56 40.82
CA ASP C 70 11.62 -8.24 40.18
C ASP C 70 11.85 -8.38 38.68
N PHE C 71 10.95 -7.83 37.88
CA PHE C 71 11.06 -7.93 36.43
C PHE C 71 10.93 -6.57 35.76
N THR C 72 11.50 -6.44 34.57
CA THR C 72 11.54 -5.15 33.88
C THR C 72 11.16 -5.25 32.41
N PHE C 73 10.22 -4.39 31.99
CA PHE C 73 9.85 -4.28 30.59
C PHE C 73 10.42 -2.98 30.02
N THR C 74 11.27 -3.11 29.01
CA THR C 74 12.00 -1.95 28.50
C THR C 74 11.63 -1.59 27.06
N ILE C 75 11.40 -0.31 26.84
CA ILE C 75 11.17 0.25 25.52
C ILE C 75 12.30 1.24 25.21
N SER C 76 12.98 1.00 24.09
CA SER C 76 14.11 1.82 23.67
C SER C 76 13.66 3.12 23.03
N SER C 77 12.92 3.02 21.92
CA SER C 77 12.42 4.20 21.22
C SER C 77 10.91 4.31 21.34
N VAL C 78 10.45 5.23 22.18
CA VAL C 78 9.02 5.43 22.41
C VAL C 78 8.39 6.16 21.23
N GLN C 79 7.34 5.57 20.67
CA GLN C 79 6.60 6.18 19.59
C GLN C 79 5.27 6.75 20.09
N ALA C 80 4.62 7.55 19.24
CA ALA C 80 3.34 8.15 19.60
C ALA C 80 2.26 7.09 19.74
N GLU C 81 2.39 6.00 19.00
CA GLU C 81 1.42 4.92 19.04
C GLU C 81 1.74 3.90 20.12
N ASP C 82 2.81 4.16 20.88
CA ASP C 82 3.17 3.30 22.00
C ASP C 82 2.39 3.68 23.25
N LEU C 83 1.49 4.65 23.09
CA LEU C 83 0.66 5.11 24.19
C LEU C 83 -0.39 4.06 24.56
N ALA C 84 -0.17 3.40 25.70
CA ALA C 84 -1.08 2.37 26.17
C ALA C 84 -0.84 2.04 27.64
N VAL C 85 -1.70 1.20 28.21
CA VAL C 85 -1.52 0.73 29.58
C VAL C 85 -0.86 -0.64 29.54
N TYR C 86 0.23 -0.79 30.29
CA TYR C 86 1.02 -2.02 30.25
C TYR C 86 0.78 -2.87 31.50
N TYR C 87 0.60 -4.17 31.29
CA TYR C 87 0.33 -5.09 32.40
C TYR C 87 1.35 -6.22 32.45
N CYS C 88 1.73 -6.61 33.66
CA CYS C 88 2.55 -7.80 33.85
C CYS C 88 1.71 -8.90 34.51
N GLN C 89 2.00 -10.15 34.17
CA GLN C 89 1.19 -11.27 34.63
C GLN C 89 2.03 -12.54 34.83
N GLN C 90 1.85 -13.19 35.98
CA GLN C 90 2.55 -14.43 36.26
C GLN C 90 1.80 -15.60 35.63
N HIS C 91 2.54 -16.58 35.13
CA HIS C 91 1.90 -17.74 34.49
C HIS C 91 2.47 -19.05 35.01
N TYR C 92 2.57 -19.19 36.32
CA TYR C 92 3.01 -20.44 36.92
C TYR C 92 1.93 -21.04 37.81
N SER C 93 1.49 -20.29 38.81
CA SER C 93 0.56 -20.83 39.81
C SER C 93 -0.90 -20.49 39.50
N ILE C 94 -1.79 -21.39 39.91
CA ILE C 94 -3.22 -21.16 39.79
C ILE C 94 -3.70 -20.45 41.05
N PRO C 95 -4.45 -19.34 40.89
CA PRO C 95 -4.86 -18.76 39.61
C PRO C 95 -3.85 -17.77 39.03
N ARG C 96 -4.01 -17.45 37.75
CA ARG C 96 -3.16 -16.47 37.08
C ARG C 96 -3.62 -15.07 37.44
N THR C 97 -2.73 -14.29 38.04
CA THR C 97 -3.06 -12.93 38.46
C THR C 97 -2.34 -11.89 37.62
N PHE C 98 -2.82 -10.65 37.70
CA PHE C 98 -2.23 -9.55 36.93
C PHE C 98 -1.71 -8.45 37.83
N GLY C 99 -0.95 -7.52 37.26
CA GLY C 99 -0.46 -6.36 37.99
C GLY C 99 -1.47 -5.23 38.01
N GLY C 100 -1.18 -4.19 38.78
CA GLY C 100 -2.08 -3.05 38.87
C GLY C 100 -2.23 -2.30 37.57
N GLY C 101 -1.16 -2.25 36.79
CA GLY C 101 -1.17 -1.54 35.52
C GLY C 101 -0.43 -0.23 35.57
N THR C 102 0.41 0.02 34.57
CA THR C 102 1.18 1.27 34.50
C THR C 102 0.82 2.05 33.24
N LYS C 103 -0.01 3.08 33.40
CA LYS C 103 -0.42 3.92 32.29
C LYS C 103 0.73 4.82 31.86
N LEU C 104 1.29 4.54 30.68
CA LEU C 104 2.44 5.28 30.18
C LEU C 104 2.02 6.55 29.46
N GLU C 105 2.20 7.69 30.11
CA GLU C 105 1.89 8.98 29.51
C GLU C 105 3.13 9.56 28.83
N ILE C 106 2.91 10.21 27.69
CA ILE C 106 4.02 10.74 26.89
C ILE C 106 4.22 12.22 27.17
N LYS C 107 5.46 12.60 27.44
CA LYS C 107 5.81 14.00 27.72
C LYS C 107 6.33 14.69 26.46
N ARG C 108 5.82 15.89 26.20
CA ARG C 108 6.26 16.67 25.05
C ARG C 108 6.22 18.16 25.34
N ALA C 109 6.43 18.98 24.31
CA ALA C 109 6.41 20.42 24.44
C ALA C 109 4.97 20.92 24.61
N ASP C 110 4.84 22.15 25.09
CA ASP C 110 3.52 22.74 25.31
C ASP C 110 2.80 23.04 23.99
N ALA C 111 1.48 23.09 24.05
CA ALA C 111 0.68 23.37 22.86
C ALA C 111 -0.48 24.30 23.20
N ALA C 112 -0.78 25.23 22.28
CA ALA C 112 -1.85 26.19 22.49
C ALA C 112 -3.21 25.56 22.19
N PRO C 113 -4.10 25.57 23.19
CA PRO C 113 -5.45 24.99 23.05
C PRO C 113 -6.36 25.79 22.14
N THR C 114 -6.65 25.26 20.96
CA THR C 114 -7.62 25.86 20.07
C THR C 114 -9.00 25.77 20.72
N VAL C 115 -9.53 26.94 21.09
CA VAL C 115 -10.83 27.02 21.76
C VAL C 115 -11.90 27.35 20.74
N SER C 116 -13.01 26.62 20.77
CA SER C 116 -14.09 26.87 19.83
C SER C 116 -15.45 26.79 20.51
N ILE C 117 -16.19 27.90 20.48
CA ILE C 117 -17.49 27.96 21.13
C ILE C 117 -18.59 27.73 20.11
N PHE C 118 -19.67 27.09 20.55
CA PHE C 118 -20.78 26.68 19.69
C PHE C 118 -22.13 26.97 20.34
N PRO C 119 -23.02 27.61 19.57
CA PRO C 119 -24.39 27.96 19.93
C PRO C 119 -25.34 26.77 19.83
N PRO C 120 -26.39 26.75 20.68
CA PRO C 120 -27.42 25.70 20.66
C PRO C 120 -28.15 25.61 19.33
N SER C 121 -28.28 24.39 18.80
CA SER C 121 -28.95 24.18 17.52
C SER C 121 -30.45 24.35 17.65
N SER C 122 -31.13 24.45 16.51
CA SER C 122 -32.58 24.63 16.49
C SER C 122 -33.29 23.34 16.90
N GLU C 123 -32.68 22.21 16.62
CA GLU C 123 -33.25 20.90 16.97
C GLU C 123 -33.36 20.76 18.48
N GLN C 124 -32.42 21.35 19.20
CA GLN C 124 -32.43 21.32 20.66
C GLN C 124 -33.42 22.34 21.20
N LEU C 125 -33.55 23.46 20.50
CA LEU C 125 -34.50 24.50 20.88
C LEU C 125 -35.93 24.02 20.70
N THR C 126 -36.14 23.10 19.76
CA THR C 126 -37.46 22.52 19.51
C THR C 126 -37.91 21.70 20.71
N SER C 127 -36.99 20.94 21.29
CA SER C 127 -37.30 20.08 22.44
C SER C 127 -37.52 20.92 23.69
N GLY C 128 -36.91 22.11 23.73
CA GLY C 128 -37.07 23.02 24.85
C GLY C 128 -35.86 23.11 25.76
N GLY C 129 -34.67 23.12 25.15
CA GLY C 129 -33.43 23.28 25.89
C GLY C 129 -32.35 23.95 25.07
N ALA C 130 -31.26 24.36 25.71
CA ALA C 130 -30.17 25.02 25.01
C ALA C 130 -28.84 24.90 25.75
N SER C 131 -27.85 24.31 25.10
CA SER C 131 -26.55 24.10 25.71
C SER C 131 -25.42 24.72 24.89
N VAL C 132 -24.74 25.69 25.47
CA VAL C 132 -23.58 26.31 24.84
C VAL C 132 -22.37 25.40 25.05
N VAL C 133 -21.63 25.14 23.98
CA VAL C 133 -20.52 24.20 24.07
C VAL C 133 -19.18 24.89 23.85
N CYS C 134 -18.18 24.54 24.67
CA CYS C 134 -16.85 25.11 24.53
C CYS C 134 -15.80 24.02 24.39
N PHE C 135 -15.26 23.88 23.18
CA PHE C 135 -14.26 22.85 22.90
C PHE C 135 -12.83 23.36 23.07
N LEU C 136 -11.98 22.51 23.64
CA LEU C 136 -10.57 22.82 23.82
C LEU C 136 -9.73 21.73 23.17
N ASN C 137 -9.12 22.05 22.03
CA ASN C 137 -8.42 21.04 21.23
C ASN C 137 -6.91 21.25 21.20
N ASN C 138 -6.18 20.13 21.18
CA ASN C 138 -4.74 20.13 20.98
C ASN C 138 -3.97 21.01 21.97
N PHE C 139 -3.81 20.51 23.20
CA PHE C 139 -3.01 21.22 24.19
C PHE C 139 -2.29 20.23 25.11
N TYR C 140 -1.35 20.75 25.90
CA TYR C 140 -0.56 19.93 26.80
C TYR C 140 0.09 20.81 27.87
N PRO C 141 0.06 20.37 29.14
CA PRO C 141 -0.49 19.09 29.60
C PRO C 141 -2.00 19.14 29.90
N LYS C 142 -2.45 18.20 30.72
CA LYS C 142 -3.88 18.06 31.04
C LYS C 142 -4.38 19.20 31.91
N ASP C 143 -3.55 19.66 32.83
CA ASP C 143 -3.93 20.71 33.76
C ASP C 143 -4.25 22.01 33.04
N ILE C 144 -5.51 22.43 33.09
CA ILE C 144 -5.94 23.66 32.45
C ILE C 144 -7.25 24.13 33.10
N ASN C 145 -7.35 25.44 33.32
CA ASN C 145 -8.54 26.01 33.94
C ASN C 145 -9.54 26.46 32.88
N VAL C 146 -10.82 26.26 33.15
CA VAL C 146 -11.87 26.69 32.24
C VAL C 146 -12.90 27.55 32.98
N LYS C 147 -13.08 28.77 32.51
CA LYS C 147 -14.03 29.68 33.13
C LYS C 147 -15.11 30.11 32.14
N TRP C 148 -16.35 30.08 32.60
CA TRP C 148 -17.50 30.45 31.78
C TRP C 148 -18.01 31.85 32.11
N LYS C 149 -18.61 32.49 31.10
CA LYS C 149 -19.16 33.83 31.23
C LYS C 149 -20.41 33.95 30.35
N ILE C 150 -21.57 33.99 31.00
CA ILE C 150 -22.83 34.13 30.28
C ILE C 150 -22.96 35.54 29.70
N ASP C 151 -22.88 36.53 30.57
CA ASP C 151 -22.91 37.93 30.15
C ASP C 151 -21.91 38.77 30.95
N GLY C 152 -20.68 38.29 31.02
CA GLY C 152 -19.64 38.96 31.79
C GLY C 152 -19.51 38.39 33.19
N SER C 153 -20.57 37.75 33.65
CA SER C 153 -20.57 37.13 34.97
C SER C 153 -20.05 35.71 34.90
N GLU C 154 -19.17 35.35 35.85
CA GLU C 154 -18.57 34.02 35.87
C GLU C 154 -19.61 32.95 36.16
N ARG C 155 -19.96 32.17 35.15
CA ARG C 155 -20.89 31.06 35.32
C ARG C 155 -20.16 29.82 35.80
N GLN C 156 -20.71 29.18 36.83
CA GLN C 156 -20.06 28.01 37.42
C GLN C 156 -21.01 26.83 37.52
N ASN C 157 -22.31 27.11 37.53
CA ASN C 157 -23.33 26.07 37.61
C ASN C 157 -23.71 25.58 36.22
N GLY C 158 -23.86 24.27 36.08
CA GLY C 158 -24.22 23.66 34.81
C GLY C 158 -23.04 23.48 33.88
N VAL C 159 -21.83 23.49 34.45
CA VAL C 159 -20.61 23.35 33.69
C VAL C 159 -20.02 21.96 33.87
N LEU C 160 -19.79 21.25 32.77
CA LEU C 160 -19.19 19.92 32.84
C LEU C 160 -17.92 19.83 32.01
N ASN C 161 -16.82 19.50 32.67
CA ASN C 161 -15.53 19.35 31.99
C ASN C 161 -15.23 17.89 31.70
N SER C 162 -14.92 17.61 30.44
CA SER C 162 -14.60 16.24 30.03
C SER C 162 -13.22 16.17 29.37
N TRP C 163 -12.28 15.54 30.08
CA TRP C 163 -10.93 15.33 29.56
C TRP C 163 -10.82 13.99 28.85
N THR C 164 -10.28 14.01 27.64
CA THR C 164 -10.04 12.80 26.88
C THR C 164 -8.69 12.21 27.25
N ASP C 165 -8.42 11.00 26.78
CA ASP C 165 -7.10 10.39 26.96
C ASP C 165 -6.11 11.02 26.01
N GLN C 166 -4.82 10.84 26.28
CA GLN C 166 -3.77 11.43 25.45
C GLN C 166 -3.88 10.92 24.02
N ASP C 167 -3.34 11.69 23.07
CA ASP C 167 -3.43 11.34 21.66
C ASP C 167 -2.29 10.40 21.25
N SER C 168 -2.54 9.60 20.22
CA SER C 168 -1.57 8.60 19.77
C SER C 168 -0.89 9.02 18.47
N LYS C 169 -1.04 10.28 18.10
CA LYS C 169 -0.44 10.80 16.88
C LYS C 169 0.53 11.94 17.19
N ASP C 170 0.05 12.92 17.97
CA ASP C 170 0.86 14.07 18.32
C ASP C 170 0.94 14.25 19.84
N SER C 171 0.30 13.33 20.56
CA SER C 171 0.31 13.34 22.03
C SER C 171 -0.21 14.65 22.61
N THR C 172 -1.45 15.00 22.28
CA THR C 172 -2.06 16.22 22.78
C THR C 172 -3.44 15.93 23.39
N TYR C 173 -3.65 16.40 24.62
CA TYR C 173 -4.93 16.21 25.29
C TYR C 173 -6.00 17.13 24.70
N SER C 174 -7.26 16.82 24.98
CA SER C 174 -8.37 17.62 24.51
C SER C 174 -9.53 17.52 25.51
N MET C 175 -10.24 18.62 25.73
CA MET C 175 -11.33 18.60 26.70
C MET C 175 -12.55 19.37 26.19
N SER C 176 -13.69 19.08 26.80
CA SER C 176 -14.94 19.74 26.41
C SER C 176 -15.65 20.28 27.64
N SER C 177 -15.90 21.59 27.64
CA SER C 177 -16.66 22.23 28.69
C SER C 177 -18.09 22.49 28.20
N THR C 178 -19.06 21.89 28.86
CA THR C 178 -20.45 22.00 28.44
C THR C 178 -21.26 22.84 29.40
N LEU C 179 -21.97 23.83 28.86
CA LEU C 179 -22.88 24.66 29.66
C LEU C 179 -24.32 24.38 29.26
N THR C 180 -24.99 23.55 30.06
CA THR C 180 -26.38 23.16 29.76
C THR C 180 -27.39 24.07 30.47
N LEU C 181 -28.24 24.70 29.68
CA LEU C 181 -29.24 25.62 30.21
C LEU C 181 -30.61 25.42 29.56
N THR C 182 -31.62 26.07 30.12
CA THR C 182 -32.98 25.99 29.60
C THR C 182 -33.18 26.95 28.44
N LYS C 183 -34.25 26.74 27.67
CA LYS C 183 -34.56 27.58 26.52
C LYS C 183 -34.98 28.98 26.96
N ASP C 184 -35.81 29.04 28.00
CA ASP C 184 -36.31 30.30 28.53
C ASP C 184 -35.18 31.21 28.99
N GLU C 185 -34.17 30.62 29.64
CA GLU C 185 -33.03 31.38 30.11
C GLU C 185 -32.09 31.72 28.95
N TYR C 186 -32.07 30.86 27.94
CA TYR C 186 -31.23 31.08 26.77
C TYR C 186 -31.73 32.26 25.94
N GLU C 187 -33.04 32.43 25.87
CA GLU C 187 -33.63 33.51 25.09
C GLU C 187 -33.72 34.81 25.88
N ARG C 188 -32.99 34.89 26.99
CA ARG C 188 -32.94 36.11 27.79
C ARG C 188 -31.51 36.64 27.87
N HIS C 189 -30.61 36.02 27.11
CA HIS C 189 -29.22 36.45 27.04
C HIS C 189 -28.71 36.34 25.60
N ASN C 190 -27.75 37.19 25.24
CA ASN C 190 -27.34 37.31 23.84
C ASN C 190 -25.93 36.77 23.58
N SER C 191 -24.93 37.43 24.14
CA SER C 191 -23.54 37.10 23.83
C SER C 191 -22.88 36.22 24.89
N TYR C 192 -22.64 34.96 24.54
CA TYR C 192 -21.95 34.04 25.44
C TYR C 192 -20.44 34.07 25.24
N THR C 193 -19.71 33.73 26.30
CA THR C 193 -18.25 33.80 26.27
C THR C 193 -17.62 32.73 27.16
N CYS C 194 -16.77 31.88 26.58
CA CYS C 194 -15.99 30.95 27.39
C CYS C 194 -14.50 31.24 27.24
N GLU C 195 -13.79 31.20 28.36
CA GLU C 195 -12.36 31.47 28.35
C GLU C 195 -11.58 30.35 29.04
N ALA C 196 -10.34 30.14 28.59
CA ALA C 196 -9.51 29.07 29.12
C ALA C 196 -8.14 29.59 29.54
N THR C 197 -7.72 29.22 30.74
CA THR C 197 -6.41 29.61 31.26
C THR C 197 -5.46 28.42 31.25
N HIS C 198 -4.37 28.55 30.50
CA HIS C 198 -3.37 27.50 30.38
C HIS C 198 -1.99 28.05 30.71
N LYS C 199 -0.97 27.20 30.73
CA LYS C 199 0.37 27.62 31.09
C LYS C 199 1.18 28.09 29.88
N THR C 200 0.62 27.91 28.69
CA THR C 200 1.28 28.34 27.46
C THR C 200 1.34 29.86 27.38
N SER C 201 0.29 30.51 27.88
CA SER C 201 0.23 31.97 27.89
C SER C 201 -0.49 32.47 29.14
N THR C 202 -0.11 33.65 29.60
CA THR C 202 -0.70 34.24 30.79
C THR C 202 -2.12 34.76 30.50
N SER C 203 -2.36 35.16 29.26
CA SER C 203 -3.67 35.67 28.86
C SER C 203 -4.58 34.53 28.42
N PRO C 204 -5.69 34.33 29.16
CA PRO C 204 -6.66 33.27 28.86
C PRO C 204 -7.30 33.45 27.49
N ILE C 205 -7.42 32.36 26.74
CA ILE C 205 -8.05 32.41 25.41
C ILE C 205 -9.55 32.63 25.57
N VAL C 206 -10.07 33.66 24.91
CA VAL C 206 -11.46 34.06 25.05
C VAL C 206 -12.23 33.87 23.75
N LYS C 207 -13.32 33.12 23.82
CA LYS C 207 -14.20 32.94 22.66
C LYS C 207 -15.61 33.41 22.99
N SER C 208 -16.24 34.11 22.06
CA SER C 208 -17.57 34.68 22.29
C SER C 208 -18.44 34.60 21.04
N PHE C 209 -19.75 34.53 21.24
CA PHE C 209 -20.69 34.60 20.12
C PHE C 209 -21.99 35.28 20.52
N ASN C 210 -22.78 35.66 19.52
CA ASN C 210 -24.07 36.31 19.76
C ASN C 210 -25.22 35.38 19.43
N ARG C 211 -26.30 35.48 20.19
CA ARG C 211 -27.49 34.66 19.97
C ARG C 211 -28.29 35.21 18.79
N ASN C 212 -28.14 36.51 18.55
CA ASN C 212 -28.88 37.18 17.49
C ASN C 212 -28.40 36.65 16.14
N GLU C 213 -28.78 35.41 15.84
CA GLU C 213 -28.50 34.76 14.56
C GLU C 213 -27.05 34.95 14.13
N CYS C 214 -26.13 34.64 15.04
CA CYS C 214 -24.68 34.73 14.83
C CYS C 214 -24.26 35.90 13.93
#